data_6OUN
#
_entry.id   6OUN
#
_cell.length_a   167.011
_cell.length_b   171.784
_cell.length_c   105.885
_cell.angle_alpha   90.00
_cell.angle_beta   90.00
_cell.angle_gamma   90.00
#
_symmetry.space_group_name_H-M   'C 2 2 21'
#
loop_
_entity.id
_entity.type
_entity.pdbx_description
1 polymer 'Reverse transcriptase/ribonuclease H'
2 polymer 'P51 RT'
3 polymer 'DNA primer 20-mer'
4 polymer 'DNA template 27-mer'
5 non-polymer 'MAGNESIUM ION'
6 non-polymer 'SULFATE ION'
7 non-polymer 'Lamivudine Triphosphate'
8 water water
#
loop_
_entity_poly.entity_id
_entity_poly.type
_entity_poly.pdbx_seq_one_letter_code
_entity_poly.pdbx_strand_id
1 'polypeptide(L)'
;PISPIETVPVKLKPGMDGPKVKQWPLTEEKIKALVEICTEMEKEGKISKIGPENPYNTPVFAIKKKDSTKWRKLVDFREL
NKRTQDFWEVQLGIPHPAGLKKKKSVTVLDVGDAYFSVPLDEDFRKYTAFTIPSINNETPGIRYQYNVLPQGWKGSPAIF
QSSMTKILEPFRKQNPDIVIYQYMDDLYVGSDLEIGQHRTKIEELRQHLLRWGLTTPDKKHQKEPPFLWMGYELHPDKWT
VQPIVLPEKDSWTVNDICKLVGKLNWASQIYPGIKVRQLSKLLRGTKALTEVIPLTEEAELELAENREILKEPVHGVYYD
PSKDLIAEIQKQGQGQWTYQIYQEPFKNLKTGKYARMRGAHTNDVKQLTEAVQKITTESIVIWGKTPKFKLPIQKETWET
WWTEYWQATWIPEWEFVNTPPLVKLWYQLEKEPIVGAETFYVDGAANRETKLGKAGYVTNRGRQKVVTLTDTTNQKTELQ
AIYLALQDSGLEVNIVTDSQYALGIIQAQPDQSESELVNQIIEQLIKKEKVYLAWVPAHKGIGGNEQVDKLVSAGIRK
;
A
2 'polypeptide(L)'
;MGSSHHHHHHSSPISPIETVPVKLKPGMDGPKVKQWPLTEEKIKALVEICTEMEKEGKISKIGPENPYNTPVFAIKKKDS
TKWRKLVDFRELNKRTQDFWEVQLGIPHPAGLKKKKSVTVLDVGDAYFSVPLDEDFRKYTAFTIPSINNETPGIRYQYNV
LPQGWKGSPAIFQSSMTKILEPFRKQNPDIVIYQYMDDLYVGSDLEIGQHRTKIEELRQHLLRWGLTTPDKKHQKEPPFL
WMGYELHPDKWTVQPIVLPEKDSWTVNDIQKLVGKLNWASQIYPGIKVRQLSKLLRGTKALTEVIPLTEEAELELAENRE
ILKEPVHGVYYDPSKDLIAEIQKQGQGQWTYQIYQEPFKNLKTGKYARMRGAHTNDVKQLTEAVQKITTESIVIWGKTPK
FKLPIQKETWETWWTEYWQATWIPEWEFVNTPPLVKLWYQLEKEPIVGAETF
;
B
3 'polydeoxyribonucleotide'
;(DA)(DC)(DA)(DG)(DT)(DC)(DC)(DC)(DT)(DG)(DT)(DT)(DC)(DG)(DG)(G47)(DC)(DG)(DC)
(DC)(DDG)
;
P
4 'polydeoxyribonucleotide'
;(DA)(DT)(DG)(DG)(DG)(DC)(DG)(DG)(DC)(DG)(DC)(DC)(DC)(DG)(DA)(DA)(DC)(DA)(DG)(DG)
(DG)(DA)(DC)(DT)(DG)(DT)(DG)
;
T
#
loop_
_chem_comp.id
_chem_comp.type
_chem_comp.name
_chem_comp.formula
1RZ non-polymer 'Lamivudine Triphosphate' 'C8 H14 N3 O12 P3 S'
DA DNA linking 2'-DEOXYADENOSINE-5'-MONOPHOSPHATE 'C10 H14 N5 O6 P'
DC DNA linking 2'-DEOXYCYTIDINE-5'-MONOPHOSPHATE 'C9 H14 N3 O7 P'
DDG DNA linking 2',3'-DIDEOXY-GUANOSINE-5'-MONOPHOSPHATE 'C10 H14 N5 O6 P'
DG DNA linking 2'-DEOXYGUANOSINE-5'-MONOPHOSPHATE 'C10 H14 N5 O7 P'
DT DNA linking THYMIDINE-5'-MONOPHOSPHATE 'C10 H15 N2 O8 P'
G47 DNA linking N2-ETHANETHIOL-2'-DEOXY-GUANOSINE-5'-MONOPHOSPHATE 'C12 H18 N5 O7 P S'
MG non-polymer 'MAGNESIUM ION' 'Mg 2'
SO4 non-polymer 'SULFATE ION' 'O4 S -2'
#
# COMPACT_ATOMS: atom_id res chain seq x y z
N PRO A 1 -1.06 36.91 -23.56
CA PRO A 1 -0.06 36.72 -24.61
C PRO A 1 0.41 35.27 -24.73
N ILE A 2 1.71 35.06 -24.99
CA ILE A 2 2.30 33.74 -25.10
C ILE A 2 3.58 33.73 -24.25
N SER A 3 3.65 32.81 -23.30
CA SER A 3 4.78 32.76 -22.39
C SER A 3 6.08 32.52 -23.16
N PRO A 4 7.16 33.19 -22.79
CA PRO A 4 8.47 32.92 -23.41
C PRO A 4 9.18 31.69 -22.84
N ILE A 5 8.47 30.89 -22.05
CA ILE A 5 9.03 29.68 -21.46
C ILE A 5 9.39 28.68 -22.55
N GLU A 6 10.42 27.88 -22.28
CA GLU A 6 10.78 26.80 -23.21
C GLU A 6 9.60 25.84 -23.36
N THR A 7 9.48 25.28 -24.56
CA THR A 7 8.46 24.29 -24.87
C THR A 7 8.90 22.92 -24.37
N VAL A 8 7.93 22.05 -24.16
CA VAL A 8 8.14 20.70 -23.61
C VAL A 8 8.12 19.71 -24.77
N PRO A 9 9.22 19.02 -25.05
CA PRO A 9 9.29 18.20 -26.27
C PRO A 9 8.36 17.00 -26.19
N VAL A 10 7.53 16.84 -27.22
CA VAL A 10 6.50 15.81 -27.28
C VAL A 10 6.66 15.02 -28.57
N LYS A 11 6.50 13.71 -28.47
CA LYS A 11 6.55 12.83 -29.63
C LYS A 11 5.27 12.03 -29.69
N LEU A 12 4.98 11.47 -30.86
CA LEU A 12 3.95 10.45 -30.97
C LEU A 12 4.54 9.11 -30.52
N LYS A 13 3.66 8.23 -30.06
CA LYS A 13 4.11 6.87 -29.75
C LYS A 13 4.76 6.27 -31.00
N PRO A 14 5.80 5.46 -30.84
CA PRO A 14 6.62 5.08 -32.00
C PRO A 14 5.82 4.37 -33.08
N GLY A 15 5.95 4.87 -34.31
CA GLY A 15 5.26 4.31 -35.45
C GLY A 15 3.93 4.96 -35.79
N MET A 16 3.27 5.58 -34.81
CA MET A 16 1.98 6.20 -35.06
C MET A 16 2.14 7.47 -35.88
N ASP A 17 1.07 7.85 -36.56
CA ASP A 17 0.99 9.09 -37.30
C ASP A 17 -0.16 9.92 -36.75
N GLY A 18 -0.20 11.19 -37.13
CA GLY A 18 -1.24 12.10 -36.67
C GLY A 18 -2.63 11.64 -37.04
N PRO A 19 -3.63 12.25 -36.42
CA PRO A 19 -5.02 11.88 -36.72
C PRO A 19 -5.46 12.42 -38.08
N LYS A 20 -6.48 11.77 -38.64
CA LYS A 20 -7.07 12.19 -39.92
C LYS A 20 -8.58 12.07 -39.87
N VAL A 21 -9.18 12.52 -38.75
CA VAL A 21 -10.62 12.43 -38.56
C VAL A 21 -11.30 13.64 -39.21
N LYS A 22 -12.50 13.41 -39.77
CA LYS A 22 -13.24 14.48 -40.44
C LYS A 22 -14.03 15.29 -39.43
N GLN A 23 -14.30 16.54 -39.79
CA GLN A 23 -14.93 17.49 -38.86
C GLN A 23 -16.42 17.17 -38.70
N TRP A 24 -16.84 16.93 -37.45
CA TRP A 24 -18.24 16.69 -37.16
C TRP A 24 -19.05 17.95 -37.42
N PRO A 25 -20.26 17.83 -37.98
CA PRO A 25 -21.08 19.02 -38.22
C PRO A 25 -21.63 19.58 -36.92
N LEU A 26 -21.64 20.91 -36.82
CA LEU A 26 -22.11 21.63 -35.66
C LEU A 26 -23.25 22.57 -36.03
N THR A 27 -23.83 23.19 -35.00
CA THR A 27 -24.90 24.17 -35.19
C THR A 27 -24.28 25.49 -35.67
N GLU A 28 -25.10 26.53 -35.79
CA GLU A 28 -24.58 27.87 -36.01
C GLU A 28 -24.21 28.56 -34.70
N GLU A 29 -24.92 28.24 -33.61
CA GLU A 29 -24.64 28.82 -32.32
C GLU A 29 -23.22 28.54 -31.85
N LYS A 30 -22.61 27.46 -32.31
CA LYS A 30 -21.23 27.16 -31.97
C LYS A 30 -20.23 27.63 -33.02
N ILE A 31 -20.62 27.60 -34.30
CA ILE A 31 -19.75 28.12 -35.36
C ILE A 31 -19.47 29.59 -35.15
N LYS A 32 -20.49 30.36 -34.77
CA LYS A 32 -20.30 31.80 -34.55
C LYS A 32 -19.27 32.06 -33.46
N ALA A 33 -19.45 31.41 -32.30
CA ALA A 33 -18.51 31.59 -31.20
C ALA A 33 -17.12 31.12 -31.57
N LEU A 34 -17.02 29.98 -32.27
CA LEU A 34 -15.71 29.46 -32.63
C LEU A 34 -15.00 30.35 -33.64
N VAL A 35 -15.73 30.96 -34.56
CA VAL A 35 -15.11 31.92 -35.46
C VAL A 35 -14.63 33.15 -34.69
N GLU A 36 -15.49 33.66 -33.79
CA GLU A 36 -15.10 34.83 -32.98
C GLU A 36 -13.85 34.55 -32.15
N ILE A 37 -13.68 33.31 -31.68
CA ILE A 37 -12.51 32.93 -30.91
C ILE A 37 -11.29 32.73 -31.81
N CYS A 38 -11.48 32.04 -32.94
CA CYS A 38 -10.34 31.65 -33.76
C CYS A 38 -9.76 32.83 -34.53
N THR A 39 -10.57 33.81 -34.90
CA THR A 39 -10.00 35.01 -35.52
C THR A 39 -9.06 35.71 -34.55
N GLU A 40 -9.51 35.92 -33.31
CA GLU A 40 -8.66 36.59 -32.34
C GLU A 40 -7.46 35.73 -31.95
N MET A 41 -7.60 34.41 -31.98
CA MET A 41 -6.46 33.57 -31.64
C MET A 41 -5.42 33.57 -32.74
N GLU A 42 -5.86 33.50 -34.00
CA GLU A 42 -4.92 33.57 -35.10
C GLU A 42 -4.26 34.93 -35.20
N LYS A 43 -4.96 36.01 -34.83
CA LYS A 43 -4.29 37.30 -34.75
C LYS A 43 -3.19 37.29 -33.69
N GLU A 44 -3.47 36.69 -32.53
CA GLU A 44 -2.53 36.66 -31.42
C GLU A 44 -1.44 35.60 -31.58
N GLY A 45 -1.36 34.94 -32.73
CA GLY A 45 -0.30 33.97 -32.93
C GLY A 45 -0.46 32.66 -32.18
N LYS A 46 -1.63 32.44 -31.56
CA LYS A 46 -1.88 31.23 -30.78
C LYS A 46 -2.30 30.06 -31.67
N ILE A 47 -2.92 30.34 -32.80
CA ILE A 47 -3.19 29.36 -33.85
C ILE A 47 -2.75 29.98 -35.17
N SER A 48 -2.29 29.12 -36.08
CA SER A 48 -1.73 29.55 -37.35
C SER A 48 -2.43 28.85 -38.49
N LYS A 49 -2.76 29.60 -39.54
CA LYS A 49 -3.42 29.01 -40.70
C LYS A 49 -2.53 27.95 -41.32
N ILE A 50 -3.09 26.74 -41.49
CA ILE A 50 -2.39 25.61 -42.11
C ILE A 50 -2.85 25.51 -43.57
N GLY A 51 -1.92 25.14 -44.44
CA GLY A 51 -2.24 24.95 -45.84
C GLY A 51 -2.59 23.51 -46.16
N PRO A 52 -2.52 23.15 -47.45
CA PRO A 52 -2.65 21.73 -47.82
C PRO A 52 -1.44 20.89 -47.45
N GLU A 53 -0.44 21.48 -46.78
CA GLU A 53 0.76 20.73 -46.43
C GLU A 53 0.51 19.76 -45.28
N ASN A 54 -0.46 20.04 -44.41
CA ASN A 54 -0.78 19.13 -43.32
C ASN A 54 -1.88 18.18 -43.76
N PRO A 55 -1.68 16.87 -43.67
CA PRO A 55 -2.74 15.91 -44.00
C PRO A 55 -3.66 15.57 -42.84
N TYR A 56 -3.44 16.16 -41.67
CA TYR A 56 -4.11 15.75 -40.45
C TYR A 56 -5.34 16.62 -40.17
N ASN A 57 -6.26 16.07 -39.37
CA ASN A 57 -7.41 16.84 -38.92
C ASN A 57 -8.03 16.19 -37.69
N THR A 58 -8.77 17.00 -36.94
CA THR A 58 -9.49 16.56 -35.74
C THR A 58 -10.74 17.41 -35.57
N PRO A 59 -11.86 16.83 -35.14
CA PRO A 59 -13.08 17.61 -34.94
C PRO A 59 -13.02 18.50 -33.70
N VAL A 60 -13.67 19.66 -33.80
CA VAL A 60 -13.71 20.65 -32.73
C VAL A 60 -15.17 20.88 -32.32
N PHE A 61 -15.35 21.59 -31.21
CA PHE A 61 -16.67 22.02 -30.75
C PHE A 61 -16.47 23.06 -29.65
N ALA A 62 -17.57 23.50 -29.07
CA ALA A 62 -17.53 24.51 -28.01
C ALA A 62 -18.68 24.29 -27.05
N ILE A 63 -18.45 24.61 -25.77
CA ILE A 63 -19.47 24.50 -24.74
C ILE A 63 -19.52 25.79 -23.94
N LYS A 64 -20.63 25.97 -23.21
CA LYS A 64 -20.76 27.13 -22.33
C LYS A 64 -19.85 26.97 -21.11
N LYS A 65 -19.29 28.08 -20.64
CA LYS A 65 -18.37 28.07 -19.51
C LYS A 65 -19.15 28.13 -18.20
N LYS A 66 -18.43 28.10 -17.07
CA LYS A 66 -19.06 28.24 -15.76
C LYS A 66 -19.94 29.48 -15.70
N ASP A 67 -19.46 30.59 -16.27
CA ASP A 67 -20.30 31.73 -16.57
C ASP A 67 -20.86 31.53 -17.97
N SER A 68 -22.17 31.37 -18.08
CA SER A 68 -22.83 30.93 -19.31
C SER A 68 -22.79 31.97 -20.45
N THR A 69 -22.07 33.09 -20.33
CA THR A 69 -21.96 34.07 -21.40
C THR A 69 -20.68 33.92 -22.22
N LYS A 70 -19.76 33.05 -21.81
CA LYS A 70 -18.51 32.83 -22.51
C LYS A 70 -18.40 31.37 -22.95
N TRP A 71 -17.77 31.15 -24.10
CA TRP A 71 -17.67 29.83 -24.70
C TRP A 71 -16.25 29.29 -24.55
N ARG A 72 -16.14 28.04 -24.12
CA ARG A 72 -14.88 27.31 -24.09
C ARG A 72 -14.77 26.43 -25.33
N LYS A 73 -13.64 26.56 -26.04
CA LYS A 73 -13.37 25.81 -27.25
C LYS A 73 -12.67 24.50 -26.90
N LEU A 74 -13.25 23.39 -27.34
CA LEU A 74 -12.66 22.08 -27.10
C LEU A 74 -12.41 21.36 -28.42
N VAL A 75 -11.49 20.42 -28.38
CA VAL A 75 -11.18 19.58 -29.53
C VAL A 75 -11.25 18.11 -29.10
N ASP A 76 -12.00 17.30 -29.85
CA ASP A 76 -12.10 15.86 -29.59
C ASP A 76 -10.81 15.20 -30.09
N PHE A 77 -9.76 15.31 -29.26
CA PHE A 77 -8.43 14.80 -29.61
C PHE A 77 -8.24 13.34 -29.20
N ARG A 78 -9.31 12.56 -29.11
CA ARG A 78 -9.19 11.19 -28.61
C ARG A 78 -8.24 10.36 -29.47
N GLU A 79 -8.28 10.55 -30.79
CA GLU A 79 -7.39 9.79 -31.66
C GLU A 79 -5.92 10.20 -31.44
N LEU A 80 -5.63 11.48 -31.56
CA LEU A 80 -4.28 11.97 -31.25
C LEU A 80 -3.84 11.53 -29.86
N ASN A 81 -4.73 11.65 -28.86
CA ASN A 81 -4.39 11.20 -27.51
C ASN A 81 -3.96 9.74 -27.53
N LYS A 82 -4.72 8.88 -28.22
CA LYS A 82 -4.33 7.48 -28.29
C LYS A 82 -2.98 7.31 -28.97
N ARG A 83 -2.62 8.23 -29.87
CA ARG A 83 -1.36 8.17 -30.61
C ARG A 83 -0.23 8.98 -30.00
N THR A 84 -0.52 9.82 -29.00
CA THR A 84 0.49 10.62 -28.33
C THR A 84 1.24 9.79 -27.29
N GLN A 85 2.49 10.19 -27.02
CA GLN A 85 3.33 9.52 -26.04
C GLN A 85 2.68 9.54 -24.65
N ASP A 86 3.28 8.75 -23.76
CA ASP A 86 2.83 8.69 -22.37
C ASP A 86 3.47 9.81 -21.55
N PHE A 87 2.67 10.37 -20.65
CA PHE A 87 3.15 11.39 -19.73
C PHE A 87 3.19 10.82 -18.32
N TRP A 88 4.03 11.40 -17.47
CA TRP A 88 3.91 11.18 -16.04
C TRP A 88 3.11 12.33 -15.47
N GLU A 89 1.90 12.01 -14.99
CA GLU A 89 1.06 13.04 -14.40
C GLU A 89 1.70 13.59 -13.14
N VAL A 90 1.68 14.91 -13.02
CA VAL A 90 2.42 15.57 -11.94
C VAL A 90 1.49 16.06 -10.83
N GLN A 91 0.20 16.23 -11.12
CA GLN A 91 -0.78 16.52 -10.08
C GLN A 91 -1.03 15.27 -9.26
N LEU A 92 -0.51 15.25 -8.03
CA LEU A 92 -0.53 14.03 -7.22
C LEU A 92 -1.75 13.94 -6.31
N GLY A 93 -2.53 15.01 -6.20
CA GLY A 93 -3.67 15.01 -5.31
C GLY A 93 -4.41 16.33 -5.38
N ILE A 94 -5.38 16.48 -4.49
CA ILE A 94 -6.27 17.64 -4.47
C ILE A 94 -6.06 18.37 -3.15
N PRO A 95 -5.58 19.62 -3.14
CA PRO A 95 -5.35 20.30 -1.87
C PRO A 95 -6.64 20.43 -1.09
N HIS A 96 -6.53 20.37 0.24
CA HIS A 96 -7.73 20.45 1.06
C HIS A 96 -7.67 21.66 1.98
N PRO A 97 -8.81 22.33 2.20
CA PRO A 97 -8.78 23.53 3.06
C PRO A 97 -8.34 23.26 4.49
N ALA A 98 -8.64 22.08 5.03
CA ALA A 98 -8.23 21.76 6.40
C ALA A 98 -6.73 21.76 6.57
N GLY A 99 -5.98 21.54 5.49
CA GLY A 99 -4.54 21.67 5.55
C GLY A 99 -4.01 23.08 5.43
N LEU A 100 -4.89 24.07 5.23
CA LEU A 100 -4.45 25.46 5.23
C LEU A 100 -4.22 25.96 6.64
N LYS A 101 -3.21 26.79 6.80
CA LYS A 101 -2.92 27.47 8.04
C LYS A 101 -3.55 28.86 8.01
N LYS A 102 -3.98 29.32 9.18
CA LYS A 102 -4.54 30.66 9.29
C LYS A 102 -3.55 31.68 8.74
N LYS A 103 -4.03 32.59 7.90
CA LYS A 103 -3.20 33.63 7.31
C LYS A 103 -3.87 34.99 7.48
N LYS A 104 -3.06 36.01 7.73
CA LYS A 104 -3.62 37.35 7.91
C LYS A 104 -4.21 37.90 6.61
N SER A 105 -3.59 37.61 5.47
CA SER A 105 -4.01 38.17 4.19
C SER A 105 -4.06 37.07 3.13
N VAL A 106 -5.17 37.02 2.41
CA VAL A 106 -5.46 35.97 1.45
C VAL A 106 -5.87 36.62 0.13
N THR A 107 -5.37 36.08 -0.97
CA THR A 107 -5.74 36.48 -2.32
C THR A 107 -5.96 35.22 -3.13
N VAL A 108 -6.94 35.26 -4.03
CA VAL A 108 -7.11 34.18 -5.00
C VAL A 108 -7.06 34.82 -6.39
N LEU A 109 -6.15 34.33 -7.22
CA LEU A 109 -5.95 34.76 -8.60
C LEU A 109 -6.28 33.63 -9.57
N ASP A 110 -6.82 34.01 -10.71
CA ASP A 110 -7.11 33.09 -11.80
C ASP A 110 -6.29 33.55 -13.00
N VAL A 111 -5.48 32.66 -13.55
CA VAL A 111 -4.69 33.02 -14.73
C VAL A 111 -5.60 33.08 -15.95
N GLY A 112 -5.49 34.15 -16.73
CA GLY A 112 -6.31 34.29 -17.93
C GLY A 112 -5.74 33.49 -19.11
N ASP A 113 -6.64 32.81 -19.81
CA ASP A 113 -6.32 31.99 -21.00
C ASP A 113 -5.07 31.15 -20.77
N ALA A 114 -5.16 30.30 -19.73
CA ALA A 114 -3.99 29.59 -19.22
C ALA A 114 -3.32 28.76 -20.30
N TYR A 115 -4.01 27.73 -20.81
CA TYR A 115 -3.45 26.92 -21.89
C TYR A 115 -3.06 27.77 -23.09
N PHE A 116 -3.88 28.74 -23.43
CA PHE A 116 -3.57 29.45 -24.67
C PHE A 116 -2.42 30.45 -24.49
N SER A 117 -1.73 30.39 -23.34
CA SER A 117 -0.56 31.22 -23.07
C SER A 117 0.70 30.40 -22.86
N VAL A 118 0.69 29.12 -23.22
CA VAL A 118 1.86 28.26 -23.08
C VAL A 118 2.14 27.65 -24.45
N PRO A 119 3.34 27.80 -25.00
CA PRO A 119 3.61 27.32 -26.35
C PRO A 119 3.70 25.80 -26.43
N LEU A 120 3.54 25.30 -27.65
CA LEU A 120 3.50 23.88 -27.95
C LEU A 120 4.63 23.50 -28.90
N ASP A 121 5.16 22.29 -28.71
CA ASP A 121 6.31 21.79 -29.45
C ASP A 121 6.11 21.96 -30.96
N GLU A 122 7.12 22.55 -31.61
CA GLU A 122 6.99 22.88 -33.03
C GLU A 122 6.79 21.62 -33.88
N ASP A 123 7.52 20.55 -33.56
CA ASP A 123 7.38 19.33 -34.34
C ASP A 123 6.05 18.63 -34.10
N PHE A 124 5.27 19.10 -33.12
CA PHE A 124 4.01 18.48 -32.77
C PHE A 124 2.78 19.27 -33.21
N ARG A 125 2.94 20.55 -33.55
CA ARG A 125 1.80 21.37 -33.95
C ARG A 125 1.09 20.83 -35.20
N LYS A 126 1.84 20.23 -36.12
CA LYS A 126 1.21 19.71 -37.34
C LYS A 126 0.11 18.71 -37.04
N TYR A 127 0.24 17.94 -35.94
CA TYR A 127 -0.76 16.96 -35.59
C TYR A 127 -2.02 17.56 -34.98
N THR A 128 -2.00 18.84 -34.60
CA THR A 128 -3.14 19.44 -33.94
C THR A 128 -4.10 20.14 -34.90
N ALA A 129 -3.95 19.94 -36.21
CA ALA A 129 -4.72 20.70 -37.19
C ALA A 129 -6.21 20.43 -37.08
N PHE A 130 -7.01 21.48 -37.22
CA PHE A 130 -8.46 21.34 -37.26
C PHE A 130 -9.02 22.20 -38.38
N THR A 131 -10.35 22.25 -38.50
CA THR A 131 -11.01 23.03 -39.55
C THR A 131 -12.39 23.46 -39.10
N ILE A 132 -12.79 24.67 -39.50
CA ILE A 132 -14.10 25.20 -39.13
C ILE A 132 -15.08 25.13 -40.30
N ILE A 142 -12.05 27.09 -42.59
CA ILE A 142 -10.66 27.48 -42.50
C ILE A 142 -9.87 26.48 -41.65
N ARG A 143 -8.66 26.17 -42.09
CA ARG A 143 -7.81 25.16 -41.45
C ARG A 143 -6.73 25.84 -40.62
N TYR A 144 -6.78 25.66 -39.31
CA TYR A 144 -5.76 26.17 -38.41
C TYR A 144 -4.94 25.03 -37.83
N GLN A 145 -3.89 25.39 -37.08
CA GLN A 145 -3.15 24.47 -36.24
C GLN A 145 -2.75 25.20 -34.97
N TYR A 146 -2.61 24.46 -33.88
CA TYR A 146 -2.33 25.06 -32.59
C TYR A 146 -0.86 25.41 -32.47
N ASN A 147 -0.59 26.60 -31.91
CA ASN A 147 0.74 26.98 -31.45
C ASN A 147 0.84 27.00 -29.93
N VAL A 148 -0.28 26.76 -29.22
CA VAL A 148 -0.35 26.77 -27.77
C VAL A 148 -1.04 25.47 -27.33
N LEU A 149 -1.22 25.32 -26.02
CA LEU A 149 -1.86 24.09 -25.50
C LEU A 149 -3.35 24.08 -25.83
N PRO A 150 -3.86 23.09 -26.57
CA PRO A 150 -5.29 22.99 -26.78
C PRO A 150 -5.98 22.21 -25.67
N GLN A 151 -7.26 22.52 -25.49
CA GLN A 151 -8.08 21.84 -24.51
C GLN A 151 -8.68 20.59 -25.15
N GLY A 152 -8.51 19.46 -24.48
CA GLY A 152 -8.88 18.18 -25.04
C GLY A 152 -7.71 17.31 -25.42
N TRP A 153 -6.50 17.86 -25.42
CA TRP A 153 -5.32 17.05 -25.68
C TRP A 153 -4.83 16.42 -24.37
N LYS A 154 -4.31 15.21 -24.49
CA LYS A 154 -3.86 14.46 -23.31
C LYS A 154 -2.79 15.22 -22.55
N GLY A 155 -1.78 15.71 -23.25
CA GLY A 155 -0.63 16.32 -22.63
C GLY A 155 -0.80 17.71 -22.07
N SER A 156 -1.96 18.36 -22.19
CA SER A 156 -2.01 19.77 -21.82
C SER A 156 -2.04 19.99 -20.30
N PRO A 157 -2.87 19.28 -19.51
CA PRO A 157 -2.83 19.52 -18.05
C PRO A 157 -1.45 19.35 -17.43
N ALA A 158 -0.76 18.24 -17.72
CA ALA A 158 0.57 18.03 -17.15
C ALA A 158 1.55 19.11 -17.60
N ILE A 159 1.54 19.42 -18.90
CA ILE A 159 2.53 20.38 -19.40
C ILE A 159 2.26 21.75 -18.81
N PHE A 160 1.00 22.12 -18.65
CA PHE A 160 0.72 23.39 -17.99
C PHE A 160 1.15 23.37 -16.54
N GLN A 161 0.76 22.32 -15.78
CA GLN A 161 1.14 22.25 -14.37
C GLN A 161 2.65 22.38 -14.19
N SER A 162 3.42 21.67 -15.03
CA SER A 162 4.86 21.77 -14.93
C SER A 162 5.35 23.15 -15.29
N SER A 163 4.80 23.77 -16.33
CA SER A 163 5.29 25.09 -16.72
C SER A 163 4.95 26.12 -15.66
N MET A 164 3.78 25.99 -15.03
CA MET A 164 3.39 26.88 -13.95
C MET A 164 4.32 26.72 -12.76
N THR A 165 4.73 25.48 -12.47
CA THR A 165 5.71 25.29 -11.40
C THR A 165 7.05 25.93 -11.75
N LYS A 166 7.54 25.72 -12.97
CA LYS A 166 8.81 26.34 -13.37
C LYS A 166 8.71 27.85 -13.29
N ILE A 167 7.56 28.41 -13.65
CA ILE A 167 7.42 29.86 -13.67
C ILE A 167 7.38 30.40 -12.25
N LEU A 168 6.65 29.71 -11.36
CA LEU A 168 6.57 30.16 -9.98
C LEU A 168 7.89 29.98 -9.23
N GLU A 169 8.71 29.01 -9.62
CA GLU A 169 9.87 28.63 -8.82
C GLU A 169 10.68 29.81 -8.30
N PRO A 170 11.10 30.80 -9.10
CA PRO A 170 11.87 31.91 -8.51
C PRO A 170 11.10 32.70 -7.47
N PHE A 171 9.82 32.98 -7.74
CA PHE A 171 9.05 33.77 -6.78
C PHE A 171 8.91 33.02 -5.46
N ARG A 172 8.68 31.71 -5.49
CA ARG A 172 8.70 30.93 -4.26
C ARG A 172 10.06 31.02 -3.59
N LYS A 173 11.14 30.86 -4.37
CA LYS A 173 12.49 30.91 -3.82
C LYS A 173 12.70 32.18 -3.01
N GLN A 174 12.33 33.33 -3.56
CA GLN A 174 12.64 34.57 -2.87
C GLN A 174 11.49 35.12 -2.04
N ASN A 175 10.39 34.36 -1.88
CA ASN A 175 9.33 34.70 -0.93
C ASN A 175 8.92 33.46 -0.14
N PRO A 176 9.78 32.99 0.77
CA PRO A 176 9.46 31.75 1.50
C PRO A 176 8.28 31.90 2.44
N ASP A 177 8.09 33.07 3.04
CA ASP A 177 7.00 33.34 3.95
C ASP A 177 5.66 33.53 3.25
N ILE A 178 5.61 33.46 1.92
CA ILE A 178 4.36 33.53 1.16
C ILE A 178 4.02 32.12 0.72
N VAL A 179 2.75 31.75 0.90
CA VAL A 179 2.25 30.43 0.52
C VAL A 179 1.47 30.57 -0.76
N ILE A 180 1.79 29.74 -1.76
CA ILE A 180 1.07 29.72 -3.03
C ILE A 180 0.55 28.32 -3.31
N TYR A 181 -0.75 28.13 -3.18
CA TYR A 181 -1.42 26.90 -3.59
C TYR A 181 -1.78 27.00 -5.07
N GLN A 182 -1.17 26.14 -5.88
CA GLN A 182 -1.18 26.21 -7.33
C GLN A 182 -2.07 25.08 -7.88
N TYR A 183 -3.36 25.35 -8.03
CA TYR A 183 -4.21 24.32 -8.65
C TYR A 183 -4.52 24.71 -10.08
N MET A 184 -3.53 24.46 -10.91
CA MET A 184 -3.59 24.32 -12.36
C MET A 184 -3.85 25.60 -13.13
N ASP A 185 -4.57 26.57 -12.58
CA ASP A 185 -4.45 27.96 -13.02
C ASP A 185 -4.88 28.85 -11.86
N ASP A 186 -5.53 28.22 -10.89
CA ASP A 186 -5.85 28.90 -9.65
C ASP A 186 -4.59 29.11 -8.84
N LEU A 187 -4.51 30.25 -8.18
CA LEU A 187 -3.43 30.57 -7.28
C LEU A 187 -4.06 31.11 -6.00
N TYR A 188 -4.01 30.31 -4.93
CA TYR A 188 -4.23 30.83 -3.60
C TYR A 188 -2.92 31.38 -3.08
N VAL A 189 -2.97 32.58 -2.49
CA VAL A 189 -1.78 33.26 -2.02
C VAL A 189 -2.06 33.75 -0.61
N GLY A 190 -1.29 33.26 0.35
CA GLY A 190 -1.50 33.57 1.74
C GLY A 190 -0.23 34.14 2.33
N SER A 191 -0.41 35.09 3.25
CA SER A 191 0.73 35.63 3.98
C SER A 191 0.23 36.22 5.28
N ASP A 192 1.16 36.41 6.22
CA ASP A 192 0.89 37.09 7.47
C ASP A 192 1.24 38.56 7.41
N LEU A 193 1.46 39.07 6.21
CA LEU A 193 1.77 40.48 6.04
C LEU A 193 0.50 41.32 6.19
N GLU A 194 0.67 42.52 6.71
CA GLU A 194 -0.44 43.46 6.76
C GLU A 194 -0.95 43.73 5.35
N ILE A 195 -2.20 44.22 5.26
CA ILE A 195 -2.91 44.25 3.98
C ILE A 195 -2.14 45.03 2.91
N GLY A 196 -1.47 46.13 3.30
CA GLY A 196 -0.79 46.94 2.31
C GLY A 196 0.40 46.22 1.67
N GLN A 197 1.29 45.67 2.49
CA GLN A 197 2.45 44.96 1.96
C GLN A 197 2.04 43.66 1.27
N HIS A 198 0.95 43.04 1.72
CA HIS A 198 0.44 41.88 1.00
C HIS A 198 0.01 42.26 -0.40
N ARG A 199 -0.71 43.38 -0.53
CA ARG A 199 -1.14 43.80 -1.87
C ARG A 199 0.05 44.16 -2.74
N THR A 200 1.09 44.76 -2.14
CA THR A 200 2.35 44.99 -2.86
C THR A 200 2.93 43.69 -3.40
N LYS A 201 3.07 42.67 -2.53
CA LYS A 201 3.62 41.39 -2.98
C LYS A 201 2.75 40.76 -4.05
N ILE A 202 1.43 40.89 -3.93
CA ILE A 202 0.54 40.36 -4.95
C ILE A 202 0.81 41.04 -6.28
N GLU A 203 1.01 42.36 -6.26
CA GLU A 203 1.39 43.04 -7.49
C GLU A 203 2.71 42.51 -8.04
N GLU A 204 3.68 42.25 -7.17
CA GLU A 204 4.92 41.64 -7.64
C GLU A 204 4.63 40.31 -8.31
N LEU A 205 3.75 39.51 -7.72
CA LEU A 205 3.48 38.18 -8.27
C LEU A 205 2.75 38.28 -9.61
N ARG A 206 1.86 39.26 -9.73
CA ARG A 206 1.16 39.48 -10.99
C ARG A 206 2.13 39.96 -12.07
N GLN A 207 2.98 40.93 -11.73
CA GLN A 207 3.95 41.43 -12.71
C GLN A 207 4.96 40.35 -13.08
N HIS A 208 5.22 39.43 -12.14
CA HIS A 208 6.16 38.35 -12.42
C HIS A 208 5.55 37.37 -13.39
N LEU A 209 4.28 37.01 -13.16
CA LEU A 209 3.56 36.17 -14.10
C LEU A 209 3.45 36.83 -15.48
N LEU A 210 3.31 38.16 -15.51
CA LEU A 210 3.24 38.87 -16.77
C LEU A 210 4.56 38.78 -17.52
N ARG A 211 5.69 38.96 -16.82
CA ARG A 211 6.97 38.79 -17.47
C ARG A 211 7.13 37.38 -18.08
N TRP A 212 6.37 36.40 -17.60
CA TRP A 212 6.36 35.07 -18.20
C TRP A 212 5.09 34.81 -19.02
N GLY A 213 4.46 35.88 -19.52
CA GLY A 213 3.36 35.76 -20.45
C GLY A 213 2.01 35.42 -19.86
N LEU A 214 1.84 35.48 -18.54
CA LEU A 214 0.63 34.99 -17.88
C LEU A 214 -0.13 36.14 -17.25
N THR A 215 -1.38 36.31 -17.65
CA THR A 215 -2.22 37.40 -17.18
C THR A 215 -3.08 36.97 -15.99
N THR A 216 -3.26 37.89 -15.05
CA THR A 216 -4.21 37.74 -13.95
C THR A 216 -5.30 38.79 -14.08
N PRO A 217 -6.38 38.48 -14.80
CA PRO A 217 -7.48 39.46 -14.95
C PRO A 217 -8.08 39.84 -13.61
N ASP A 218 -8.36 41.13 -13.45
CA ASP A 218 -8.96 41.64 -12.23
C ASP A 218 -10.35 41.03 -11.97
N LYS A 219 -11.11 40.71 -13.03
CA LYS A 219 -12.46 40.19 -12.85
C LYS A 219 -12.45 38.89 -12.06
N LYS A 220 -11.40 38.09 -12.22
CA LYS A 220 -11.24 36.83 -11.51
C LYS A 220 -10.19 36.95 -10.41
N HIS A 221 -9.97 38.17 -9.91
CA HIS A 221 -9.01 38.46 -8.85
C HIS A 221 -9.80 38.69 -7.55
N GLN A 222 -9.92 37.64 -6.73
CA GLN A 222 -10.62 37.72 -5.46
C GLN A 222 -9.77 38.46 -4.44
N LYS A 223 -10.35 39.45 -3.77
CA LYS A 223 -9.60 40.31 -2.86
C LYS A 223 -10.16 40.36 -1.45
N GLU A 224 -11.42 40.02 -1.24
CA GLU A 224 -12.07 40.10 0.06
C GLU A 224 -12.79 38.79 0.35
N PRO A 225 -12.76 38.34 1.60
CA PRO A 225 -13.48 37.11 1.96
C PRO A 225 -14.99 37.32 1.89
N PRO A 226 -15.77 36.25 1.69
CA PRO A 226 -15.28 34.88 1.55
C PRO A 226 -14.69 34.60 0.16
N PHE A 227 -13.53 33.95 0.15
CA PHE A 227 -12.88 33.59 -1.11
C PHE A 227 -13.46 32.29 -1.63
N LEU A 228 -13.69 32.22 -2.94
CA LEU A 228 -14.14 30.98 -3.57
C LEU A 228 -12.91 30.22 -4.07
N TRP A 229 -12.76 28.97 -3.61
CA TRP A 229 -11.54 28.21 -3.89
C TRP A 229 -11.83 26.73 -3.78
N MET A 230 -11.58 25.99 -4.88
CA MET A 230 -11.61 24.53 -4.87
C MET A 230 -12.94 23.97 -4.40
N GLY A 231 -14.01 24.73 -4.59
CA GLY A 231 -15.33 24.30 -4.18
C GLY A 231 -15.73 24.73 -2.79
N TYR A 232 -14.88 25.44 -2.09
CA TYR A 232 -15.13 25.88 -0.73
C TYR A 232 -15.21 27.40 -0.68
N GLU A 233 -15.82 27.88 0.41
CA GLU A 233 -15.76 29.28 0.79
C GLU A 233 -14.80 29.41 1.97
N LEU A 234 -13.71 30.16 1.77
CA LEU A 234 -12.71 30.42 2.79
C LEU A 234 -13.01 31.75 3.46
N HIS A 235 -13.39 31.69 4.73
CA HIS A 235 -13.48 32.83 5.62
C HIS A 235 -12.18 32.96 6.41
N PRO A 236 -11.95 34.10 7.09
CA PRO A 236 -10.67 34.27 7.81
C PRO A 236 -10.27 33.11 8.72
N ASP A 237 -11.20 32.52 9.48
CA ASP A 237 -10.83 31.37 10.29
C ASP A 237 -11.88 30.26 10.29
N LYS A 238 -12.86 30.32 9.39
CA LYS A 238 -13.77 29.21 9.10
C LYS A 238 -13.67 28.89 7.62
N TRP A 239 -14.11 27.69 7.26
CA TRP A 239 -14.28 27.35 5.86
C TRP A 239 -15.49 26.46 5.71
N THR A 240 -16.19 26.60 4.60
CA THR A 240 -17.39 25.81 4.34
C THR A 240 -17.33 25.27 2.92
N VAL A 241 -18.25 24.36 2.61
CA VAL A 241 -18.42 23.88 1.25
C VAL A 241 -19.53 24.68 0.60
N GLN A 242 -19.46 24.81 -0.73
CA GLN A 242 -20.57 25.41 -1.44
C GLN A 242 -21.77 24.48 -1.38
N PRO A 243 -22.99 25.02 -1.44
CA PRO A 243 -24.18 24.21 -1.15
C PRO A 243 -24.22 22.93 -1.98
N ILE A 244 -24.79 21.89 -1.39
CA ILE A 244 -24.89 20.57 -1.99
C ILE A 244 -26.38 20.28 -2.20
N VAL A 245 -26.84 20.38 -3.44
CA VAL A 245 -28.25 20.19 -3.75
C VAL A 245 -28.49 18.70 -4.02
N LEU A 246 -29.22 18.05 -3.13
CA LEU A 246 -29.50 16.65 -3.44
C LEU A 246 -30.75 16.55 -4.30
N PRO A 247 -30.74 15.68 -5.30
CA PRO A 247 -31.94 15.48 -6.13
C PRO A 247 -33.07 14.87 -5.31
N GLU A 248 -34.29 15.30 -5.62
CA GLU A 248 -35.50 14.81 -4.96
C GLU A 248 -36.35 13.96 -5.92
N LYS A 249 -35.68 13.21 -6.80
CA LYS A 249 -36.38 12.43 -7.81
C LYS A 249 -37.30 11.39 -7.17
N ASP A 250 -38.51 11.27 -7.72
CA ASP A 250 -39.50 10.32 -7.20
C ASP A 250 -39.37 8.93 -7.81
N SER A 251 -38.82 8.84 -9.02
CA SER A 251 -38.40 7.57 -9.60
C SER A 251 -36.88 7.60 -9.75
N TRP A 252 -36.21 6.57 -9.25
CA TRP A 252 -34.76 6.57 -9.13
C TRP A 252 -34.13 5.68 -10.19
N THR A 253 -33.16 6.22 -10.92
CA THR A 253 -32.38 5.51 -11.91
C THR A 253 -30.98 5.26 -11.37
N VAL A 254 -30.24 4.38 -12.05
CA VAL A 254 -28.88 4.06 -11.63
C VAL A 254 -28.00 5.30 -11.68
N ASN A 255 -28.12 6.09 -12.75
CA ASN A 255 -27.39 7.36 -12.85
C ASN A 255 -27.77 8.29 -11.71
N ASP A 256 -29.05 8.32 -11.34
CA ASP A 256 -29.48 9.17 -10.24
C ASP A 256 -28.87 8.70 -8.92
N ILE A 257 -28.80 7.39 -8.71
CA ILE A 257 -28.17 6.87 -7.50
C ILE A 257 -26.68 7.20 -7.50
N CYS A 258 -26.03 7.13 -8.66
CA CYS A 258 -24.61 7.45 -8.72
C CYS A 258 -24.37 8.92 -8.41
N LYS A 259 -25.19 9.81 -8.98
CA LYS A 259 -25.08 11.23 -8.65
C LYS A 259 -25.31 11.47 -7.16
N LEU A 260 -26.34 10.84 -6.60
CA LEU A 260 -26.64 11.02 -5.18
C LEU A 260 -25.51 10.53 -4.30
N VAL A 261 -25.00 9.33 -4.57
CA VAL A 261 -23.93 8.76 -3.77
C VAL A 261 -22.65 9.58 -3.93
N GLY A 262 -22.37 10.07 -5.13
CA GLY A 262 -21.21 10.92 -5.33
C GLY A 262 -21.31 12.22 -4.58
N LYS A 263 -22.50 12.85 -4.60
CA LYS A 263 -22.69 14.06 -3.82
C LYS A 263 -22.57 13.78 -2.33
N LEU A 264 -23.09 12.64 -1.87
CA LEU A 264 -22.97 12.28 -0.46
C LEU A 264 -21.52 12.03 -0.07
N ASN A 265 -20.75 11.37 -0.94
CA ASN A 265 -19.32 11.19 -0.70
C ASN A 265 -18.60 12.52 -0.59
N TRP A 266 -18.95 13.47 -1.46
CA TRP A 266 -18.33 14.78 -1.38
C TRP A 266 -18.71 15.49 -0.08
N ALA A 267 -19.98 15.37 0.32
CA ALA A 267 -20.45 16.01 1.55
C ALA A 267 -19.78 15.41 2.79
N SER A 268 -19.45 14.12 2.75
CA SER A 268 -18.92 13.45 3.94
C SER A 268 -17.57 14.02 4.41
N GLN A 269 -16.99 15.01 3.71
CA GLN A 269 -15.71 15.57 4.14
C GLN A 269 -15.89 16.63 5.24
N ILE A 270 -17.08 17.20 5.37
CA ILE A 270 -17.34 18.09 6.50
C ILE A 270 -18.65 17.78 7.22
N TYR A 271 -19.60 17.08 6.60
CA TYR A 271 -20.83 16.67 7.30
C TYR A 271 -20.61 15.32 7.97
N PRO A 272 -20.73 15.24 9.30
CA PRO A 272 -20.46 13.97 9.98
C PRO A 272 -21.59 12.98 9.81
N GLY A 273 -21.23 11.69 9.90
CA GLY A 273 -22.22 10.63 9.97
C GLY A 273 -22.92 10.29 8.68
N ILE A 274 -22.37 10.67 7.53
CA ILE A 274 -22.95 10.30 6.26
C ILE A 274 -22.80 8.80 6.04
N LYS A 275 -23.85 8.15 5.57
CA LYS A 275 -23.85 6.73 5.27
C LYS A 275 -24.36 6.53 3.86
N VAL A 276 -23.71 5.64 3.10
CA VAL A 276 -24.19 5.35 1.75
C VAL A 276 -24.24 3.86 1.46
N ARG A 277 -24.16 3.01 2.49
CA ARG A 277 -24.05 1.57 2.23
C ARG A 277 -25.28 1.02 1.55
N GLN A 278 -26.48 1.37 2.05
CA GLN A 278 -27.71 0.86 1.44
C GLN A 278 -27.93 1.46 0.06
N LEU A 279 -27.75 2.78 -0.07
CA LEU A 279 -27.88 3.41 -1.38
C LEU A 279 -26.89 2.83 -2.37
N SER A 280 -25.70 2.46 -1.91
CA SER A 280 -24.73 1.86 -2.83
C SER A 280 -25.09 0.41 -3.16
N LYS A 281 -25.53 -0.36 -2.17
CA LYS A 281 -25.98 -1.73 -2.44
C LYS A 281 -27.17 -1.76 -3.37
N LEU A 282 -27.85 -0.62 -3.54
CA LEU A 282 -28.91 -0.52 -4.53
C LEU A 282 -28.41 -0.73 -5.96
N LEU A 283 -27.12 -1.02 -6.12
CA LEU A 283 -26.49 -1.16 -7.42
C LEU A 283 -26.17 -2.60 -7.81
N ARG A 284 -26.20 -3.54 -6.86
CA ARG A 284 -25.65 -4.88 -7.07
C ARG A 284 -26.13 -5.51 -8.37
N GLY A 285 -25.18 -5.84 -9.24
CA GLY A 285 -25.48 -6.49 -10.50
C GLY A 285 -26.52 -5.76 -11.33
N THR A 286 -26.23 -4.52 -11.71
CA THR A 286 -27.17 -3.70 -12.47
C THR A 286 -26.95 -3.91 -13.97
N LYS A 287 -27.64 -3.12 -14.79
CA LYS A 287 -27.53 -3.22 -16.25
C LYS A 287 -26.93 -1.97 -16.88
N ALA A 288 -27.53 -0.80 -16.66
CA ALA A 288 -27.10 0.41 -17.36
C ALA A 288 -27.56 1.63 -16.56
N LEU A 289 -27.25 2.81 -17.11
CA LEU A 289 -27.63 4.06 -16.47
C LEU A 289 -29.12 4.37 -16.58
N THR A 290 -29.84 3.64 -17.42
CA THR A 290 -31.26 3.91 -17.68
C THR A 290 -32.14 2.75 -17.19
N GLU A 291 -31.80 2.18 -16.04
CA GLU A 291 -32.63 1.19 -15.39
C GLU A 291 -33.19 1.78 -14.10
N VAL A 292 -34.51 1.79 -13.96
CA VAL A 292 -35.13 2.29 -12.75
C VAL A 292 -34.94 1.29 -11.62
N ILE A 293 -34.57 1.79 -10.45
CA ILE A 293 -34.29 0.96 -9.28
C ILE A 293 -35.30 1.34 -8.20
N PRO A 294 -35.98 0.38 -7.57
CA PRO A 294 -36.85 0.70 -6.43
C PRO A 294 -36.04 0.84 -5.15
N LEU A 295 -36.27 1.93 -4.42
CA LEU A 295 -35.56 2.15 -3.17
C LEU A 295 -36.11 1.23 -2.08
N THR A 296 -35.24 0.42 -1.50
CA THR A 296 -35.58 -0.42 -0.36
C THR A 296 -35.90 0.44 0.86
N GLU A 297 -36.60 -0.15 1.82
CA GLU A 297 -36.98 0.59 3.02
C GLU A 297 -35.74 1.08 3.78
N GLU A 298 -34.73 0.22 3.91
CA GLU A 298 -33.51 0.64 4.59
C GLU A 298 -32.82 1.75 3.82
N ALA A 299 -32.88 1.71 2.49
CA ALA A 299 -32.30 2.78 1.68
C ALA A 299 -33.08 4.08 1.85
N GLU A 300 -34.42 4.00 1.91
CA GLU A 300 -35.21 5.19 2.13
C GLU A 300 -34.89 5.84 3.48
N LEU A 301 -34.73 5.01 4.51
CA LEU A 301 -34.39 5.54 5.85
C LEU A 301 -33.00 6.14 5.86
N GLU A 302 -32.03 5.47 5.23
CA GLU A 302 -30.67 6.01 5.16
C GLU A 302 -30.65 7.35 4.42
N LEU A 303 -31.43 7.47 3.34
CA LEU A 303 -31.50 8.73 2.61
C LEU A 303 -32.16 9.82 3.43
N ALA A 304 -33.21 9.48 4.17
CA ALA A 304 -33.81 10.48 5.05
C ALA A 304 -32.82 10.97 6.09
N GLU A 305 -32.05 10.06 6.67
CA GLU A 305 -31.04 10.46 7.64
C GLU A 305 -30.02 11.39 7.00
N ASN A 306 -29.53 11.04 5.82
CA ASN A 306 -28.56 11.88 5.11
C ASN A 306 -29.15 13.27 4.85
N ARG A 307 -30.40 13.34 4.40
CA ARG A 307 -31.03 14.64 4.18
C ARG A 307 -31.05 15.46 5.46
N GLU A 308 -31.47 14.84 6.57
CA GLU A 308 -31.57 15.59 7.82
C GLU A 308 -30.19 16.05 8.29
N ILE A 309 -29.15 15.28 7.98
CA ILE A 309 -27.79 15.76 8.23
C ILE A 309 -27.48 16.99 7.38
N LEU A 310 -27.87 16.97 6.10
CA LEU A 310 -27.48 18.05 5.19
C LEU A 310 -28.17 19.37 5.48
N LYS A 311 -29.33 19.35 6.13
CA LYS A 311 -30.00 20.59 6.52
C LYS A 311 -29.53 21.06 7.89
N GLU A 312 -28.22 21.19 8.08
CA GLU A 312 -27.63 21.62 9.34
C GLU A 312 -26.40 22.47 9.05
N PRO A 313 -26.27 23.64 9.68
CA PRO A 313 -25.10 24.50 9.41
C PRO A 313 -23.83 23.84 9.89
N VAL A 314 -22.80 23.84 9.05
CA VAL A 314 -21.60 23.07 9.33
C VAL A 314 -20.39 23.78 8.72
N HIS A 315 -19.28 23.78 9.45
CA HIS A 315 -18.06 24.40 8.96
C HIS A 315 -16.84 23.68 9.52
N GLY A 316 -15.72 23.86 8.82
CA GLY A 316 -14.43 23.38 9.27
C GLY A 316 -13.50 24.53 9.61
N VAL A 317 -12.36 24.18 10.18
CA VAL A 317 -11.37 25.18 10.60
C VAL A 317 -10.03 24.89 9.96
N TYR A 318 -9.05 25.76 10.19
CA TYR A 318 -7.75 25.68 9.56
C TYR A 318 -6.74 25.01 10.50
N TYR A 319 -5.69 24.48 9.91
CA TYR A 319 -4.68 23.73 10.64
C TYR A 319 -3.80 24.66 11.46
N ASP A 320 -3.55 24.28 12.72
CA ASP A 320 -2.61 24.96 13.60
C ASP A 320 -1.44 24.02 13.89
N PRO A 321 -0.26 24.25 13.30
CA PRO A 321 0.83 23.28 13.42
C PRO A 321 1.40 23.14 14.83
N SER A 322 1.04 24.01 15.76
CA SER A 322 1.59 23.97 17.10
C SER A 322 0.73 23.15 18.06
N LYS A 323 -0.38 22.59 17.58
CA LYS A 323 -1.31 21.80 18.36
C LYS A 323 -1.47 20.44 17.70
N ASP A 324 -2.11 19.52 18.42
CA ASP A 324 -2.11 18.11 18.03
C ASP A 324 -3.20 17.79 17.02
N LEU A 325 -2.92 16.78 16.20
CA LEU A 325 -3.92 16.20 15.30
C LEU A 325 -4.63 15.05 16.02
N ILE A 326 -5.94 15.18 16.18
CA ILE A 326 -6.71 14.15 16.87
C ILE A 326 -7.77 13.61 15.92
N ALA A 327 -7.72 12.30 15.66
CA ALA A 327 -8.70 11.61 14.84
C ALA A 327 -9.53 10.72 15.77
N GLU A 328 -10.82 11.02 15.86
CA GLU A 328 -11.72 10.23 16.68
C GLU A 328 -12.66 9.48 15.75
N ILE A 329 -12.79 8.17 15.99
CA ILE A 329 -13.58 7.31 15.12
C ILE A 329 -14.80 6.81 15.87
N GLN A 330 -15.89 6.57 15.12
CA GLN A 330 -17.12 6.03 15.67
C GLN A 330 -17.66 4.95 14.75
N LYS A 331 -18.23 3.91 15.36
CA LYS A 331 -18.76 2.76 14.64
C LYS A 331 -20.18 3.06 14.20
N GLN A 332 -20.41 3.02 12.90
CA GLN A 332 -21.76 2.93 12.36
C GLN A 332 -22.08 1.45 12.14
N GLY A 333 -23.31 1.18 11.76
CA GLY A 333 -23.70 -0.19 11.51
C GLY A 333 -23.11 -0.72 10.22
N GLN A 334 -22.96 -2.05 10.17
CA GLN A 334 -22.72 -2.78 8.92
C GLN A 334 -21.45 -2.31 8.23
N GLY A 335 -20.33 -2.40 8.94
CA GLY A 335 -19.04 -2.08 8.35
C GLY A 335 -18.89 -0.63 7.93
N GLN A 336 -19.64 0.28 8.55
CA GLN A 336 -19.52 1.70 8.30
C GLN A 336 -18.92 2.40 9.51
N TRP A 337 -18.07 3.40 9.26
CA TRP A 337 -17.37 4.12 10.29
C TRP A 337 -17.32 5.59 9.91
N THR A 338 -17.56 6.46 10.88
CA THR A 338 -17.38 7.90 10.68
C THR A 338 -16.19 8.36 11.50
N TYR A 339 -15.52 9.42 11.05
CA TYR A 339 -14.44 9.97 11.86
C TYR A 339 -14.45 11.49 11.77
N GLN A 340 -13.84 12.08 12.80
CA GLN A 340 -13.66 13.52 12.88
C GLN A 340 -12.20 13.78 13.21
N ILE A 341 -11.55 14.58 12.39
CA ILE A 341 -10.21 15.07 12.67
C ILE A 341 -10.33 16.50 13.15
N TYR A 342 -9.69 16.79 14.28
CA TYR A 342 -9.79 18.08 14.96
C TYR A 342 -8.54 18.30 15.81
N GLN A 343 -8.43 19.51 16.35
CA GLN A 343 -7.31 19.88 17.20
C GLN A 343 -7.77 20.41 18.55
N GLU A 344 -8.84 21.18 18.58
CA GLU A 344 -9.60 21.62 19.73
C GLU A 344 -10.98 20.98 19.70
N PRO A 345 -11.45 20.46 20.83
CA PRO A 345 -12.70 19.70 20.83
C PRO A 345 -13.87 20.48 20.21
N PHE A 346 -14.65 19.76 19.39
CA PHE A 346 -15.84 20.23 18.67
C PHE A 346 -15.53 21.21 17.56
N LYS A 347 -14.27 21.58 17.34
CA LYS A 347 -13.85 22.42 16.23
C LYS A 347 -13.15 21.53 15.21
N ASN A 348 -13.94 20.85 14.38
CA ASN A 348 -13.40 19.86 13.44
C ASN A 348 -12.53 20.51 12.37
N LEU A 349 -11.36 19.93 12.13
CA LEU A 349 -10.64 20.20 10.88
C LEU A 349 -11.41 19.63 9.71
N LYS A 350 -11.75 18.35 9.77
CA LYS A 350 -12.62 17.78 8.73
C LYS A 350 -13.26 16.50 9.28
N THR A 351 -14.16 15.96 8.48
CA THR A 351 -14.82 14.71 8.81
C THR A 351 -14.61 13.73 7.66
N GLY A 352 -14.90 12.47 7.94
CA GLY A 352 -14.75 11.45 6.92
C GLY A 352 -15.58 10.23 7.21
N LYS A 353 -15.58 9.32 6.24
CA LYS A 353 -16.24 8.04 6.39
C LYS A 353 -15.35 6.95 5.81
N TYR A 354 -15.50 5.74 6.36
CA TYR A 354 -14.83 4.56 5.83
C TYR A 354 -15.84 3.42 5.88
N ALA A 355 -16.18 2.88 4.72
CA ALA A 355 -17.20 1.87 4.66
C ALA A 355 -16.85 0.78 3.66
N ARG A 356 -15.57 0.49 3.50
CA ARG A 356 -15.14 -0.51 2.53
C ARG A 356 -15.15 -1.90 3.16
N MET A 357 -15.79 -2.84 2.47
CA MET A 357 -15.95 -4.21 2.97
C MET A 357 -14.85 -5.06 2.34
N ARG A 358 -13.92 -5.52 3.18
CA ARG A 358 -12.82 -6.36 2.74
C ARG A 358 -12.92 -7.71 3.43
N GLY A 359 -12.74 -8.77 2.64
CA GLY A 359 -12.86 -10.12 3.16
C GLY A 359 -14.28 -10.64 3.22
N ALA A 360 -14.50 -11.88 2.78
CA ALA A 360 -15.78 -12.54 2.99
C ALA A 360 -16.16 -12.64 4.47
N HIS A 361 -15.19 -12.63 5.38
CA HIS A 361 -15.45 -12.77 6.80
C HIS A 361 -14.52 -11.84 7.56
N THR A 362 -15.06 -11.13 8.55
CA THR A 362 -14.28 -10.10 9.22
C THR A 362 -14.90 -9.82 10.58
N ASN A 363 -14.18 -9.06 11.39
CA ASN A 363 -14.74 -8.52 12.62
C ASN A 363 -14.45 -7.03 12.69
N ASP A 364 -15.00 -6.40 13.73
CA ASP A 364 -14.88 -4.95 13.91
C ASP A 364 -13.46 -4.52 14.28
N VAL A 365 -12.63 -5.42 14.81
CA VAL A 365 -11.27 -4.99 15.14
C VAL A 365 -10.44 -4.84 13.88
N LYS A 366 -10.58 -5.79 12.95
CA LYS A 366 -9.96 -5.64 11.63
C LYS A 366 -10.48 -4.42 10.89
N GLN A 367 -11.80 -4.21 10.86
CA GLN A 367 -12.35 -3.04 10.18
C GLN A 367 -11.83 -1.75 10.79
N LEU A 368 -11.76 -1.69 12.12
CA LEU A 368 -11.25 -0.50 12.77
C LEU A 368 -9.80 -0.27 12.39
N THR A 369 -9.00 -1.34 12.31
CA THR A 369 -7.61 -1.19 11.94
C THR A 369 -7.48 -0.63 10.53
N GLU A 370 -8.34 -1.10 9.64
CA GLU A 370 -8.37 -0.59 8.29
C GLU A 370 -8.69 0.90 8.26
N ALA A 371 -9.72 1.30 9.03
CA ALA A 371 -10.05 2.73 9.09
C ALA A 371 -8.88 3.55 9.63
N VAL A 372 -8.20 3.06 10.67
CA VAL A 372 -7.07 3.79 11.24
C VAL A 372 -5.98 3.95 10.21
N GLN A 373 -5.77 2.94 9.37
CA GLN A 373 -4.80 3.05 8.29
C GLN A 373 -5.21 4.09 7.25
N LYS A 374 -6.48 4.06 6.81
CA LYS A 374 -6.91 5.04 5.81
C LYS A 374 -6.75 6.45 6.33
N ILE A 375 -7.21 6.69 7.56
CA ILE A 375 -7.11 8.02 8.16
C ILE A 375 -5.64 8.44 8.30
N THR A 376 -4.76 7.51 8.64
CA THR A 376 -3.35 7.85 8.78
C THR A 376 -2.77 8.33 7.45
N THR A 377 -3.03 7.60 6.37
CA THR A 377 -2.45 7.99 5.08
C THR A 377 -3.07 9.30 4.57
N GLU A 378 -4.37 9.47 4.80
CA GLU A 378 -4.99 10.73 4.42
C GLU A 378 -4.40 11.89 5.23
N SER A 379 -4.06 11.65 6.50
CA SER A 379 -3.51 12.72 7.32
C SER A 379 -2.11 13.07 6.88
N ILE A 380 -1.32 12.08 6.52
CA ILE A 380 0.01 12.35 6.00
C ILE A 380 -0.09 13.17 4.72
N VAL A 381 -1.12 12.90 3.91
CA VAL A 381 -1.23 13.64 2.66
C VAL A 381 -1.61 15.10 2.92
N ILE A 382 -2.59 15.32 3.83
CA ILE A 382 -3.09 16.68 4.03
C ILE A 382 -2.16 17.50 4.92
N TRP A 383 -1.74 16.94 6.05
CA TRP A 383 -0.94 17.70 7.01
C TRP A 383 0.50 17.23 7.15
N GLY A 384 0.84 16.04 6.68
CA GLY A 384 2.20 15.54 6.83
C GLY A 384 2.51 14.96 8.20
N LYS A 385 1.49 14.66 9.00
CA LYS A 385 1.61 14.10 10.33
C LYS A 385 0.64 12.94 10.47
N THR A 386 1.06 11.94 11.24
CA THR A 386 0.04 11.03 11.72
C THR A 386 -0.74 11.70 12.86
N PRO A 387 -2.05 11.50 12.96
CA PRO A 387 -2.79 12.03 14.10
C PRO A 387 -2.71 11.11 15.31
N LYS A 388 -3.13 11.65 16.45
CA LYS A 388 -3.36 10.87 17.67
C LYS A 388 -4.79 10.36 17.65
N PHE A 389 -4.97 9.06 17.87
CA PHE A 389 -6.27 8.47 17.66
C PHE A 389 -7.07 8.38 18.97
N LYS A 390 -8.39 8.48 18.83
CA LYS A 390 -9.36 8.24 19.89
C LYS A 390 -10.39 7.26 19.32
N LEU A 391 -10.28 5.98 19.77
CA LEU A 391 -10.99 4.80 19.28
C LEU A 391 -11.93 4.25 20.33
N PRO A 392 -13.10 3.76 19.91
CA PRO A 392 -14.05 3.11 20.82
C PRO A 392 -13.72 1.63 21.05
N ILE A 393 -12.48 1.36 21.43
CA ILE A 393 -12.02 0.00 21.68
C ILE A 393 -11.16 0.02 22.94
N GLN A 394 -11.36 -0.97 23.80
CA GLN A 394 -10.61 -1.02 25.05
C GLN A 394 -9.17 -1.44 24.78
N LYS A 395 -8.25 -0.87 25.55
CA LYS A 395 -6.85 -1.27 25.43
C LYS A 395 -6.70 -2.77 25.68
N GLU A 396 -7.47 -3.33 26.62
CA GLU A 396 -7.45 -4.78 26.81
C GLU A 396 -7.98 -5.51 25.60
N THR A 397 -9.09 -5.06 25.03
CA THR A 397 -9.61 -5.70 23.81
C THR A 397 -8.53 -5.74 22.74
N TRP A 398 -7.84 -4.61 22.54
CA TRP A 398 -6.82 -4.56 21.50
C TRP A 398 -5.66 -5.48 21.83
N GLU A 399 -5.21 -5.53 23.05
CA GLU A 399 -4.14 -6.44 23.34
C GLU A 399 -4.53 -7.88 23.20
N THR A 400 -5.72 -8.20 23.63
CA THR A 400 -6.15 -9.57 23.44
C THR A 400 -6.10 -9.94 21.98
N TRP A 401 -6.64 -9.06 21.11
CA TRP A 401 -6.60 -9.30 19.67
C TRP A 401 -5.16 -9.44 19.17
N TRP A 402 -4.29 -8.49 19.51
CA TRP A 402 -2.91 -8.52 19.02
C TRP A 402 -2.17 -9.76 19.52
N THR A 403 -2.53 -10.26 20.71
CA THR A 403 -2.01 -11.56 21.15
C THR A 403 -2.50 -12.68 20.25
N GLU A 404 -3.82 -12.89 20.21
CA GLU A 404 -4.36 -14.09 19.58
C GLU A 404 -4.25 -14.09 18.05
N TYR A 405 -3.94 -12.95 17.42
CA TYR A 405 -3.99 -12.84 15.96
C TYR A 405 -2.62 -13.11 15.35
N TRP A 406 -2.58 -14.02 14.37
CA TRP A 406 -1.34 -14.51 13.79
C TRP A 406 -0.80 -13.62 12.68
N GLN A 407 -1.48 -12.52 12.36
CA GLN A 407 -0.93 -11.55 11.44
C GLN A 407 -0.31 -10.40 12.22
N ALA A 408 0.68 -9.75 11.63
CA ALA A 408 1.23 -8.54 12.20
C ALA A 408 0.21 -7.43 12.04
N THR A 409 -0.27 -6.90 13.16
CA THR A 409 -1.17 -5.75 13.13
C THR A 409 -0.65 -4.73 14.14
N TRP A 410 -0.97 -3.46 13.90
CA TRP A 410 -0.50 -2.42 14.81
C TRP A 410 -1.22 -1.12 14.53
N ILE A 411 -1.44 -0.34 15.58
CA ILE A 411 -2.14 0.93 15.53
C ILE A 411 -1.32 1.98 16.26
N PRO A 412 -1.15 3.19 15.69
CA PRO A 412 -0.34 4.23 16.37
C PRO A 412 -0.98 4.71 17.67
N GLU A 413 -0.32 5.66 18.33
CA GLU A 413 -0.78 6.15 19.63
C GLU A 413 -2.29 6.41 19.64
N TRP A 414 -2.97 5.85 20.62
CA TRP A 414 -4.40 6.05 20.76
C TRP A 414 -4.80 5.99 22.22
N GLU A 415 -6.01 6.46 22.48
CA GLU A 415 -6.59 6.43 23.81
C GLU A 415 -8.06 6.06 23.67
N PHE A 416 -8.56 5.31 24.64
CA PHE A 416 -9.92 4.81 24.58
C PHE A 416 -10.93 5.93 24.79
N VAL A 417 -12.08 5.81 24.13
CA VAL A 417 -13.19 6.73 24.29
C VAL A 417 -14.46 5.90 24.43
N ASN A 418 -15.21 6.11 25.52
CA ASN A 418 -16.38 5.29 25.79
C ASN A 418 -17.62 5.93 25.14
N THR A 419 -17.67 5.82 23.83
CA THR A 419 -18.85 6.20 23.05
C THR A 419 -19.36 4.98 22.32
N PRO A 420 -20.43 4.35 22.81
CA PRO A 420 -20.92 3.14 22.15
C PRO A 420 -21.36 3.44 20.72
N PRO A 421 -21.34 2.43 19.84
CA PRO A 421 -20.98 1.02 20.07
C PRO A 421 -19.51 0.74 20.26
N LEU A 422 -19.11 0.20 21.39
CA LEU A 422 -17.72 -0.16 21.58
C LEU A 422 -17.35 -1.35 20.70
N VAL A 423 -16.11 -1.35 20.23
CA VAL A 423 -15.57 -2.46 19.46
C VAL A 423 -15.17 -3.55 20.43
N LYS A 424 -15.72 -4.75 20.23
CA LYS A 424 -15.51 -5.86 21.14
C LYS A 424 -15.24 -7.12 20.32
N LEU A 425 -14.43 -8.00 20.87
CA LEU A 425 -14.42 -9.39 20.44
C LEU A 425 -15.60 -10.08 21.10
N TRP A 426 -16.45 -10.71 20.31
CA TRP A 426 -17.68 -11.26 20.88
C TRP A 426 -17.52 -12.68 21.40
N TYR A 427 -16.34 -13.27 21.28
CA TYR A 427 -16.07 -14.60 21.79
C TYR A 427 -14.59 -14.90 21.62
N GLN A 428 -14.10 -15.83 22.43
CA GLN A 428 -12.72 -16.29 22.39
C GLN A 428 -12.71 -17.79 22.23
N LEU A 429 -11.67 -18.29 21.57
CA LEU A 429 -11.42 -19.72 21.49
C LEU A 429 -10.42 -20.10 22.56
N GLU A 430 -10.72 -21.19 23.26
CA GLU A 430 -9.80 -21.71 24.26
C GLU A 430 -8.48 -22.12 23.62
N LYS A 431 -7.39 -21.88 24.34
CA LYS A 431 -6.08 -22.36 23.92
C LYS A 431 -5.84 -23.82 24.29
N GLU A 432 -6.68 -24.43 25.11
CA GLU A 432 -6.48 -25.81 25.56
C GLU A 432 -7.82 -26.53 25.56
N PRO A 433 -7.83 -27.83 25.32
CA PRO A 433 -9.10 -28.60 25.44
C PRO A 433 -9.68 -28.53 26.85
N ILE A 434 -11.01 -28.63 26.91
CA ILE A 434 -11.79 -28.33 28.10
C ILE A 434 -12.13 -29.64 28.82
N VAL A 435 -11.84 -29.70 30.12
CA VAL A 435 -12.15 -30.89 30.92
C VAL A 435 -13.64 -30.89 31.23
N GLY A 436 -14.27 -32.04 31.04
CA GLY A 436 -15.70 -32.13 31.25
C GLY A 436 -16.55 -31.71 30.07
N ALA A 437 -15.99 -30.99 29.09
CA ALA A 437 -16.71 -30.67 27.87
C ALA A 437 -16.79 -31.89 26.96
N GLU A 438 -17.99 -32.13 26.44
CA GLU A 438 -18.15 -33.17 25.42
C GLU A 438 -17.32 -32.85 24.18
N THR A 439 -16.78 -33.91 23.55
CA THR A 439 -15.88 -33.81 22.41
C THR A 439 -16.61 -34.26 21.15
N PHE A 440 -16.85 -33.32 20.24
CA PHE A 440 -17.50 -33.59 18.96
C PHE A 440 -16.44 -33.69 17.88
N TYR A 441 -16.37 -34.84 17.21
CA TYR A 441 -15.64 -34.98 15.96
C TYR A 441 -16.60 -34.71 14.81
N VAL A 442 -16.34 -33.65 14.03
CA VAL A 442 -17.24 -33.24 12.95
C VAL A 442 -16.59 -33.52 11.61
N ASP A 443 -17.43 -33.79 10.61
CA ASP A 443 -16.94 -33.90 9.24
C ASP A 443 -18.09 -33.72 8.27
N GLY A 444 -17.74 -33.60 7.00
CA GLY A 444 -18.72 -33.55 5.93
C GLY A 444 -18.07 -33.92 4.61
N ALA A 445 -18.92 -34.35 3.68
CA ALA A 445 -18.47 -34.65 2.32
C ALA A 445 -19.54 -34.23 1.32
N ALA A 446 -19.10 -33.99 0.08
CA ALA A 446 -19.98 -33.65 -1.03
C ALA A 446 -19.45 -34.28 -2.30
N ASN A 447 -20.36 -34.76 -3.15
CA ASN A 447 -20.02 -35.32 -4.44
C ASN A 447 -20.03 -34.20 -5.48
N ARG A 448 -18.88 -34.01 -6.16
CA ARG A 448 -18.77 -32.92 -7.13
C ARG A 448 -19.79 -33.07 -8.26
N GLU A 449 -20.01 -34.30 -8.74
CA GLU A 449 -20.93 -34.50 -9.85
C GLU A 449 -22.38 -34.30 -9.40
N THR A 450 -22.78 -34.96 -8.30
CA THR A 450 -24.16 -34.93 -7.85
C THR A 450 -24.53 -33.67 -7.08
N LYS A 451 -23.55 -32.98 -6.50
CA LYS A 451 -23.77 -31.77 -5.72
C LYS A 451 -24.47 -32.09 -4.40
N LEU A 452 -24.78 -33.35 -4.14
CA LEU A 452 -25.35 -33.73 -2.86
C LEU A 452 -24.23 -33.98 -1.85
N GLY A 453 -24.55 -33.76 -0.57
CA GLY A 453 -23.57 -33.93 0.49
C GLY A 453 -24.22 -34.34 1.81
N LYS A 454 -23.35 -34.59 2.78
CA LYS A 454 -23.74 -34.97 4.12
C LYS A 454 -22.78 -34.34 5.12
N ALA A 455 -23.33 -33.90 6.26
CA ALA A 455 -22.52 -33.32 7.32
C ALA A 455 -22.94 -33.94 8.64
N GLY A 456 -21.99 -34.17 9.54
CA GLY A 456 -22.37 -34.77 10.80
C GLY A 456 -21.30 -34.68 11.86
N TYR A 457 -21.60 -35.31 12.99
CA TYR A 457 -20.71 -35.35 14.13
C TYR A 457 -20.88 -36.66 14.89
N VAL A 458 -19.80 -37.03 15.59
CA VAL A 458 -19.74 -38.18 16.49
C VAL A 458 -19.06 -37.71 17.78
N THR A 459 -19.68 -37.96 18.93
CA THR A 459 -19.09 -37.52 20.18
C THR A 459 -18.50 -38.67 20.98
N ASN A 460 -17.67 -38.33 21.98
CA ASN A 460 -17.06 -39.34 22.84
C ASN A 460 -18.09 -40.02 23.75
N ARG A 461 -19.22 -39.36 24.01
CA ARG A 461 -20.34 -39.91 24.75
C ARG A 461 -21.28 -40.73 23.86
N GLY A 462 -20.92 -40.94 22.60
CA GLY A 462 -21.71 -41.82 21.74
C GLY A 462 -22.83 -41.17 20.96
N ARG A 463 -23.01 -39.86 21.05
CA ARG A 463 -23.98 -39.18 20.19
C ARG A 463 -23.49 -39.16 18.75
N GLN A 464 -24.42 -39.41 17.82
CA GLN A 464 -24.16 -39.41 16.38
C GLN A 464 -25.26 -38.63 15.67
N LYS A 465 -24.88 -37.78 14.72
CA LYS A 465 -25.89 -37.15 13.88
C LYS A 465 -25.33 -36.89 12.49
N VAL A 466 -26.08 -37.32 11.47
CA VAL A 466 -25.75 -37.03 10.07
C VAL A 466 -26.97 -36.39 9.41
N VAL A 467 -26.72 -35.33 8.65
CA VAL A 467 -27.76 -34.52 8.03
C VAL A 467 -27.43 -34.37 6.55
N THR A 468 -28.43 -34.61 5.70
CA THR A 468 -28.26 -34.51 4.26
C THR A 468 -28.44 -33.08 3.78
N LEU A 469 -27.58 -32.66 2.85
CA LEU A 469 -27.66 -31.35 2.22
C LEU A 469 -27.63 -31.52 0.72
N THR A 470 -28.37 -30.65 0.02
CA THR A 470 -28.34 -30.63 -1.44
C THR A 470 -27.84 -29.28 -1.92
N ASP A 471 -27.26 -29.27 -3.11
CA ASP A 471 -26.67 -28.07 -3.71
C ASP A 471 -25.68 -27.44 -2.73
N THR A 472 -24.63 -28.21 -2.42
CA THR A 472 -23.63 -27.84 -1.44
C THR A 472 -22.24 -28.11 -2.02
N THR A 473 -21.22 -27.74 -1.25
CA THR A 473 -19.83 -27.97 -1.60
C THR A 473 -19.14 -28.61 -0.40
N ASN A 474 -17.90 -29.08 -0.60
CA ASN A 474 -17.14 -29.67 0.48
C ASN A 474 -16.94 -28.67 1.62
N GLN A 475 -16.61 -27.43 1.28
CA GLN A 475 -16.36 -26.42 2.29
C GLN A 475 -17.64 -26.07 3.05
N LYS A 476 -18.75 -25.93 2.34
CA LYS A 476 -20.02 -25.64 3.02
C LYS A 476 -20.42 -26.79 3.91
N THR A 477 -20.11 -28.00 3.49
CA THR A 477 -20.47 -29.18 4.24
C THR A 477 -19.64 -29.31 5.50
N GLU A 478 -18.38 -28.83 5.46
CA GLU A 478 -17.56 -28.77 6.67
C GLU A 478 -18.09 -27.71 7.65
N LEU A 479 -18.45 -26.53 7.13
CA LEU A 479 -19.05 -25.50 7.99
C LEU A 479 -20.38 -25.97 8.58
N GLN A 480 -21.17 -26.73 7.81
CA GLN A 480 -22.41 -27.27 8.33
C GLN A 480 -22.18 -28.28 9.44
N ALA A 481 -21.13 -29.10 9.31
CA ALA A 481 -20.85 -30.04 10.40
C ALA A 481 -20.53 -29.30 11.68
N ILE A 482 -19.65 -28.30 11.59
CA ILE A 482 -19.35 -27.48 12.78
C ILE A 482 -20.63 -26.86 13.34
N TYR A 483 -21.52 -26.40 12.45
CA TYR A 483 -22.77 -25.79 12.90
C TYR A 483 -23.63 -26.78 13.67
N LEU A 484 -23.73 -28.02 13.16
CA LEU A 484 -24.47 -29.06 13.85
C LEU A 484 -23.93 -29.27 15.26
N ALA A 485 -22.62 -29.48 15.35
CA ALA A 485 -21.98 -29.67 16.64
C ALA A 485 -22.32 -28.53 17.60
N LEU A 486 -22.13 -27.29 17.15
CA LEU A 486 -22.42 -26.15 18.00
C LEU A 486 -23.88 -26.13 18.45
N GLN A 487 -24.82 -26.42 17.52
CA GLN A 487 -26.24 -26.40 17.89
C GLN A 487 -26.53 -27.42 18.96
N ASP A 488 -25.96 -28.61 18.83
CA ASP A 488 -26.34 -29.73 19.68
C ASP A 488 -25.47 -29.87 20.92
N SER A 489 -24.40 -29.09 21.03
CA SER A 489 -23.52 -29.21 22.18
C SER A 489 -24.06 -28.41 23.35
N GLY A 490 -23.42 -28.58 24.50
CA GLY A 490 -23.68 -27.76 25.67
C GLY A 490 -22.80 -26.51 25.67
N LEU A 491 -22.95 -25.72 26.73
CA LEU A 491 -22.28 -24.42 26.81
C LEU A 491 -20.77 -24.56 26.63
N GLU A 492 -20.17 -25.65 27.10
CA GLU A 492 -18.76 -25.92 26.86
C GLU A 492 -18.63 -27.12 25.91
N VAL A 493 -17.74 -27.00 24.93
CA VAL A 493 -17.57 -28.04 23.91
C VAL A 493 -16.14 -28.01 23.38
N ASN A 494 -15.64 -29.19 22.99
CA ASN A 494 -14.43 -29.34 22.20
C ASN A 494 -14.83 -29.87 20.83
N ILE A 495 -14.29 -29.27 19.75
CA ILE A 495 -14.66 -29.66 18.39
C ILE A 495 -13.38 -30.02 17.63
N VAL A 496 -13.42 -31.15 16.91
CA VAL A 496 -12.28 -31.64 16.13
C VAL A 496 -12.73 -31.78 14.68
N THR A 497 -12.15 -30.95 13.81
CA THR A 497 -12.46 -30.90 12.38
C THR A 497 -11.22 -31.31 11.58
N ASP A 498 -11.44 -31.66 10.32
CA ASP A 498 -10.34 -31.91 9.41
C ASP A 498 -10.20 -30.83 8.35
N SER A 499 -10.87 -29.69 8.52
CA SER A 499 -11.03 -28.67 7.48
C SER A 499 -10.20 -27.44 7.84
N GLN A 500 -9.01 -27.32 7.24
CA GLN A 500 -8.23 -26.09 7.41
C GLN A 500 -9.03 -24.86 7.01
N TYR A 501 -9.96 -24.99 6.05
CA TYR A 501 -10.77 -23.85 5.63
C TYR A 501 -11.65 -23.32 6.76
N ALA A 502 -12.51 -24.20 7.31
CA ALA A 502 -13.37 -23.80 8.41
C ALA A 502 -12.55 -23.41 9.64
N LEU A 503 -11.47 -24.14 9.89
CA LEU A 503 -10.55 -23.75 10.96
C LEU A 503 -10.10 -22.31 10.79
N GLY A 504 -9.53 -21.98 9.63
CA GLY A 504 -9.02 -20.64 9.41
C GLY A 504 -10.08 -19.58 9.61
N ILE A 505 -11.28 -19.83 9.08
CA ILE A 505 -12.35 -18.86 9.26
C ILE A 505 -12.62 -18.64 10.74
N ILE A 506 -12.98 -19.72 11.46
CA ILE A 506 -13.43 -19.57 12.84
C ILE A 506 -12.30 -19.10 13.76
N GLN A 507 -11.06 -19.46 13.45
CA GLN A 507 -9.94 -18.99 14.23
C GLN A 507 -9.72 -17.49 14.04
N ALA A 508 -10.12 -16.94 12.88
CA ALA A 508 -9.98 -15.49 12.71
C ALA A 508 -10.95 -14.70 13.59
N GLN A 509 -11.87 -15.36 14.27
CA GLN A 509 -12.84 -14.75 15.17
C GLN A 509 -13.72 -13.73 14.46
N PRO A 510 -14.39 -14.07 13.36
CA PRO A 510 -15.27 -13.10 12.69
C PRO A 510 -16.51 -12.83 13.53
N ASP A 511 -17.06 -11.63 13.36
CA ASP A 511 -18.37 -11.32 13.93
C ASP A 511 -19.40 -10.97 12.87
N GLN A 512 -19.01 -10.94 11.60
CA GLN A 512 -19.93 -10.68 10.50
C GLN A 512 -19.40 -11.41 9.28
N SER A 513 -20.32 -11.76 8.38
CA SER A 513 -19.94 -12.53 7.20
C SER A 513 -21.00 -12.33 6.13
N GLU A 514 -20.59 -12.51 4.88
CA GLU A 514 -21.54 -12.50 3.78
C GLU A 514 -22.09 -13.88 3.50
N SER A 515 -21.75 -14.85 4.34
CA SER A 515 -22.26 -16.22 4.29
C SER A 515 -23.22 -16.39 5.46
N GLU A 516 -24.47 -16.74 5.15
CA GLU A 516 -25.48 -16.89 6.20
C GLU A 516 -25.09 -17.98 7.18
N LEU A 517 -24.52 -19.08 6.65
CA LEU A 517 -24.08 -20.17 7.50
C LEU A 517 -23.02 -19.70 8.49
N VAL A 518 -22.04 -18.91 8.03
CA VAL A 518 -21.02 -18.39 8.93
C VAL A 518 -21.65 -17.49 9.98
N ASN A 519 -22.67 -16.72 9.61
CA ASN A 519 -23.31 -15.86 10.60
C ASN A 519 -23.97 -16.69 11.69
N GLN A 520 -24.69 -17.74 11.29
CA GLN A 520 -25.31 -18.63 12.26
C GLN A 520 -24.25 -19.28 13.15
N ILE A 521 -23.12 -19.68 12.55
CA ILE A 521 -22.03 -20.22 13.34
C ILE A 521 -21.54 -19.20 14.36
N ILE A 522 -21.44 -17.93 13.95
CA ILE A 522 -21.00 -16.87 14.85
C ILE A 522 -21.99 -16.69 16.00
N GLU A 523 -23.29 -16.75 15.70
CA GLU A 523 -24.28 -16.58 16.78
C GLU A 523 -24.17 -17.73 17.78
N GLN A 524 -24.00 -18.94 17.26
CA GLN A 524 -23.82 -20.08 18.15
C GLN A 524 -22.54 -19.94 18.97
N LEU A 525 -21.44 -19.48 18.35
CA LEU A 525 -20.19 -19.31 19.08
C LEU A 525 -20.33 -18.27 20.18
N ILE A 526 -21.08 -17.22 19.90
CA ILE A 526 -21.32 -16.20 20.92
C ILE A 526 -22.10 -16.79 22.08
N LYS A 527 -23.05 -17.70 21.79
CA LYS A 527 -23.90 -18.24 22.84
C LYS A 527 -23.13 -19.14 23.81
N LYS A 528 -22.14 -19.88 23.32
CA LYS A 528 -21.33 -20.78 24.14
C LYS A 528 -20.56 -20.03 25.22
N GLU A 529 -20.14 -20.77 26.25
CA GLU A 529 -19.25 -20.24 27.29
C GLU A 529 -17.79 -20.60 27.07
N LYS A 530 -17.50 -21.80 26.56
CA LYS A 530 -16.14 -22.22 26.26
C LYS A 530 -16.16 -23.10 25.02
N VAL A 531 -15.26 -22.85 24.10
CA VAL A 531 -15.15 -23.60 22.86
C VAL A 531 -13.68 -23.89 22.63
N TYR A 532 -13.38 -25.12 22.27
CA TYR A 532 -12.03 -25.50 21.87
C TYR A 532 -12.13 -26.18 20.52
N LEU A 533 -11.45 -25.63 19.55
CA LEU A 533 -11.46 -26.14 18.19
C LEU A 533 -10.09 -26.70 17.88
N ALA A 534 -10.05 -27.94 17.39
CA ALA A 534 -8.80 -28.61 17.11
C ALA A 534 -8.88 -29.21 15.72
N TRP A 535 -7.71 -29.43 15.13
CA TRP A 535 -7.63 -29.86 13.74
C TRP A 535 -6.84 -31.17 13.68
N VAL A 536 -7.36 -32.12 12.90
CA VAL A 536 -6.63 -33.34 12.58
C VAL A 536 -6.58 -33.47 11.07
N PRO A 537 -5.53 -34.05 10.49
CA PRO A 537 -5.51 -34.29 9.04
C PRO A 537 -6.54 -35.34 8.65
N ALA A 538 -7.15 -35.14 7.47
CA ALA A 538 -8.21 -36.00 6.98
C ALA A 538 -7.66 -37.29 6.38
N HIS A 539 -8.49 -38.33 6.37
CA HIS A 539 -8.17 -39.60 5.71
C HIS A 539 -6.86 -40.21 6.25
N LYS A 540 -6.66 -40.09 7.56
CA LYS A 540 -5.45 -40.64 8.18
C LYS A 540 -5.76 -41.72 9.21
N GLY A 541 -7.03 -42.11 9.37
CA GLY A 541 -7.37 -43.11 10.36
C GLY A 541 -7.32 -42.64 11.79
N ILE A 542 -7.32 -41.33 12.02
CA ILE A 542 -7.29 -40.77 13.36
C ILE A 542 -8.70 -40.89 13.96
N GLY A 543 -8.82 -41.69 15.01
CA GLY A 543 -10.09 -41.75 15.73
C GLY A 543 -10.29 -40.49 16.56
N GLY A 544 -11.53 -40.02 16.59
CA GLY A 544 -12.64 -40.66 15.90
C GLY A 544 -13.06 -39.92 14.66
N ASN A 545 -12.13 -39.15 14.10
CA ASN A 545 -12.36 -38.51 12.81
C ASN A 545 -12.72 -39.54 11.74
N GLU A 546 -12.10 -40.73 11.81
CA GLU A 546 -12.39 -41.78 10.83
C GLU A 546 -13.85 -42.23 10.88
N GLN A 547 -14.44 -42.27 12.09
CA GLN A 547 -15.83 -42.70 12.22
C GLN A 547 -16.78 -41.69 11.58
N VAL A 548 -16.56 -40.40 11.84
CA VAL A 548 -17.35 -39.38 11.15
C VAL A 548 -17.14 -39.47 9.64
N ASP A 549 -15.89 -39.66 9.20
CA ASP A 549 -15.62 -39.72 7.76
C ASP A 549 -16.40 -40.85 7.12
N LYS A 550 -16.39 -42.04 7.73
CA LYS A 550 -17.16 -43.15 7.20
C LYS A 550 -18.65 -42.85 7.23
N LEU A 551 -19.12 -42.15 8.26
CA LEU A 551 -20.55 -41.85 8.37
C LEU A 551 -21.02 -40.88 7.28
N VAL A 552 -20.25 -39.84 6.98
CA VAL A 552 -20.71 -38.83 6.02
C VAL A 552 -20.38 -39.17 4.58
N SER A 553 -19.71 -40.29 4.31
CA SER A 553 -19.45 -40.74 2.95
C SER A 553 -20.43 -41.84 2.55
N ALA A 554 -21.65 -41.41 2.25
CA ALA A 554 -22.56 -42.19 1.43
C ALA A 554 -22.47 -41.79 -0.04
N GLY A 555 -21.54 -40.90 -0.39
CA GLY A 555 -21.29 -40.50 -1.76
C GLY A 555 -20.00 -39.69 -1.95
N GLU B 18 33.36 9.25 -20.29
CA GLU B 18 33.38 7.84 -20.63
C GLU B 18 32.27 7.09 -19.89
N THR B 19 31.17 6.79 -20.59
CA THR B 19 30.01 6.13 -20.01
C THR B 19 29.82 4.75 -20.65
N VAL B 20 29.03 3.93 -19.99
CA VAL B 20 28.74 2.57 -20.41
C VAL B 20 27.29 2.50 -20.89
N PRO B 21 27.02 1.98 -22.08
CA PRO B 21 25.62 1.82 -22.51
C PRO B 21 24.91 0.77 -21.69
N VAL B 22 23.65 1.03 -21.38
CA VAL B 22 22.83 0.14 -20.55
C VAL B 22 21.57 -0.20 -21.33
N LYS B 23 21.34 -1.50 -21.53
CA LYS B 23 20.13 -1.98 -22.17
C LYS B 23 19.14 -2.45 -21.10
N LEU B 24 17.86 -2.29 -21.38
CA LEU B 24 16.80 -2.74 -20.48
C LEU B 24 16.51 -4.21 -20.74
N LYS B 25 15.40 -4.69 -20.18
CA LYS B 25 14.88 -5.99 -20.54
C LYS B 25 14.56 -6.03 -22.02
N PRO B 26 14.53 -7.22 -22.63
CA PRO B 26 14.34 -7.30 -24.09
C PRO B 26 13.06 -6.67 -24.59
N GLY B 27 11.97 -6.77 -23.83
CA GLY B 27 10.70 -6.24 -24.31
C GLY B 27 9.90 -5.48 -23.29
N MET B 28 10.56 -4.99 -22.24
CA MET B 28 9.90 -4.29 -21.15
C MET B 28 10.28 -2.81 -21.16
N ASP B 29 9.44 -2.01 -20.52
CA ASP B 29 9.59 -0.57 -20.45
C ASP B 29 10.29 -0.20 -19.13
N GLY B 30 10.32 1.10 -18.83
CA GLY B 30 10.86 1.58 -17.58
C GLY B 30 9.81 1.60 -16.50
N PRO B 31 10.20 2.01 -15.29
CA PRO B 31 9.28 1.96 -14.16
C PRO B 31 8.25 3.07 -14.21
N LYS B 32 7.01 2.72 -13.89
CA LYS B 32 5.90 3.65 -13.81
C LYS B 32 5.18 3.50 -12.47
N VAL B 33 5.95 3.57 -11.39
CA VAL B 33 5.45 3.37 -10.03
C VAL B 33 5.06 4.72 -9.43
N LYS B 34 3.84 4.81 -8.90
CA LYS B 34 3.36 6.05 -8.31
C LYS B 34 4.06 6.34 -6.98
N GLN B 35 4.25 7.63 -6.71
CA GLN B 35 4.89 8.06 -5.48
C GLN B 35 3.91 8.07 -4.32
N TRP B 36 4.30 7.40 -3.21
CA TRP B 36 3.38 7.32 -2.09
C TRP B 36 3.53 8.54 -1.18
N PRO B 37 2.58 8.78 -0.27
CA PRO B 37 2.65 9.98 0.57
C PRO B 37 3.83 9.95 1.52
N LEU B 38 4.42 11.12 1.73
CA LEU B 38 5.58 11.29 2.59
C LEU B 38 5.24 12.25 3.71
N THR B 39 5.83 12.02 4.87
CA THR B 39 5.61 12.92 5.98
C THR B 39 6.41 14.19 5.77
N GLU B 40 6.02 15.25 6.50
CA GLU B 40 6.68 16.55 6.32
C GLU B 40 8.18 16.46 6.58
N GLU B 41 8.59 15.76 7.64
CA GLU B 41 9.99 15.53 7.94
C GLU B 41 10.75 15.00 6.72
N LYS B 42 10.24 13.93 6.11
CA LYS B 42 10.94 13.32 4.99
C LYS B 42 10.92 14.23 3.77
N ILE B 43 9.82 14.97 3.55
CA ILE B 43 9.76 15.83 2.39
C ILE B 43 10.80 16.93 2.50
N LYS B 44 10.90 17.56 3.68
CA LYS B 44 11.90 18.60 3.89
C LYS B 44 13.30 18.06 3.67
N ALA B 45 13.59 16.88 4.22
CA ALA B 45 14.92 16.31 4.00
C ALA B 45 15.19 16.06 2.52
N LEU B 46 14.21 15.48 1.81
CA LEU B 46 14.41 15.20 0.40
C LEU B 46 14.60 16.48 -0.40
N VAL B 47 13.90 17.55 -0.04
CA VAL B 47 14.05 18.78 -0.78
C VAL B 47 15.43 19.38 -0.55
N GLU B 48 15.91 19.33 0.69
CA GLU B 48 17.28 19.77 0.98
C GLU B 48 18.29 18.96 0.19
N ILE B 49 18.18 17.63 0.26
CA ILE B 49 19.14 16.75 -0.39
C ILE B 49 19.12 16.95 -1.90
N CYS B 50 17.93 17.11 -2.48
CA CYS B 50 17.83 17.23 -3.92
C CYS B 50 18.29 18.60 -4.40
N THR B 51 18.08 19.66 -3.63
CA THR B 51 18.71 20.93 -3.96
C THR B 51 20.22 20.78 -4.02
N GLU B 52 20.82 20.23 -2.96
CA GLU B 52 22.27 20.05 -2.96
C GLU B 52 22.71 19.18 -4.15
N MET B 53 21.97 18.13 -4.47
CA MET B 53 22.38 17.23 -5.54
C MET B 53 22.27 17.92 -6.91
N GLU B 54 21.21 18.70 -7.11
CA GLU B 54 21.03 19.42 -8.36
C GLU B 54 22.17 20.41 -8.58
N LYS B 55 22.56 21.13 -7.52
CA LYS B 55 23.70 22.03 -7.63
C LYS B 55 24.93 21.32 -8.17
N GLU B 56 25.27 20.17 -7.57
CA GLU B 56 26.42 19.39 -7.95
C GLU B 56 26.22 18.65 -9.27
N GLY B 57 25.06 18.77 -9.92
CA GLY B 57 24.83 18.15 -11.21
C GLY B 57 24.50 16.68 -11.19
N LYS B 58 24.31 16.09 -10.01
CA LYS B 58 24.07 14.65 -9.93
C LYS B 58 22.66 14.29 -10.37
N ILE B 59 21.69 15.14 -10.05
CA ILE B 59 20.33 15.04 -10.58
C ILE B 59 20.00 16.34 -11.29
N SER B 60 18.97 16.29 -12.14
CA SER B 60 18.46 17.51 -12.74
C SER B 60 16.93 17.42 -12.90
N LYS B 61 16.29 18.59 -12.92
CA LYS B 61 14.85 18.66 -13.06
C LYS B 61 14.41 18.19 -14.43
N ILE B 62 13.31 17.45 -14.45
CA ILE B 62 12.65 16.98 -15.66
C ILE B 62 11.17 17.35 -15.56
N GLY B 63 10.43 17.08 -16.63
CA GLY B 63 9.03 17.37 -16.65
C GLY B 63 8.19 16.14 -16.93
N PRO B 64 6.90 16.34 -17.22
CA PRO B 64 6.03 15.19 -17.47
C PRO B 64 6.28 14.49 -18.79
N GLU B 65 7.09 15.06 -19.70
CA GLU B 65 7.37 14.37 -20.95
C GLU B 65 8.11 13.06 -20.71
N ASN B 66 8.85 12.98 -19.61
CA ASN B 66 9.40 11.72 -19.16
C ASN B 66 8.27 10.88 -18.59
N PRO B 67 7.96 9.72 -19.17
CA PRO B 67 6.79 8.95 -18.72
C PRO B 67 7.06 7.99 -17.56
N TYR B 68 8.25 8.04 -16.96
CA TYR B 68 8.68 7.06 -15.99
C TYR B 68 8.72 7.67 -14.59
N ASN B 69 8.67 6.79 -13.59
CA ASN B 69 8.73 7.22 -12.20
C ASN B 69 9.03 6.05 -11.29
N THR B 70 9.93 6.27 -10.33
CA THR B 70 10.08 5.36 -9.21
C THR B 70 9.97 6.13 -7.91
N PRO B 71 9.52 5.47 -6.84
CA PRO B 71 9.25 6.17 -5.58
C PRO B 71 10.51 6.50 -4.83
N VAL B 72 10.45 7.61 -4.08
CA VAL B 72 11.55 8.04 -3.24
C VAL B 72 11.03 8.28 -1.82
N PHE B 73 11.90 8.07 -0.84
CA PHE B 73 11.63 8.49 0.53
C PHE B 73 12.95 8.77 1.22
N ALA B 74 12.91 9.02 2.53
CA ALA B 74 14.12 9.29 3.29
C ALA B 74 14.10 8.51 4.59
N ILE B 75 15.27 8.04 5.03
CA ILE B 75 15.43 7.36 6.32
C ILE B 75 16.49 8.09 7.11
N LYS B 76 16.22 8.33 8.39
CA LYS B 76 17.20 8.94 9.27
C LYS B 76 18.18 7.86 9.73
N LYS B 77 19.47 8.15 9.57
CA LYS B 77 20.50 7.16 9.86
C LYS B 77 20.62 6.95 11.37
N LYS B 78 21.40 5.93 11.74
CA LYS B 78 21.54 5.54 13.14
C LYS B 78 22.44 6.52 13.89
N ASP B 79 22.00 6.93 15.08
CA ASP B 79 22.74 7.85 15.95
C ASP B 79 23.16 9.10 15.18
N SER B 80 22.20 9.69 14.46
CA SER B 80 22.50 10.75 13.53
C SER B 80 21.29 11.65 13.36
N THR B 81 21.55 12.92 13.05
CA THR B 81 20.52 13.84 12.57
C THR B 81 20.44 13.89 11.06
N LYS B 82 21.34 13.20 10.36
CA LYS B 82 21.43 13.29 8.91
C LYS B 82 20.50 12.27 8.25
N TRP B 83 19.55 12.77 7.47
CA TRP B 83 18.69 11.92 6.67
C TRP B 83 19.45 11.39 5.47
N ARG B 84 18.89 10.35 4.88
CA ARG B 84 19.47 9.71 3.71
C ARG B 84 18.35 9.48 2.72
N LYS B 85 18.56 9.92 1.48
CA LYS B 85 17.61 9.70 0.42
C LYS B 85 17.68 8.24 -0.03
N LEU B 86 16.54 7.58 -0.09
CA LEU B 86 16.45 6.20 -0.55
C LEU B 86 15.46 6.14 -1.71
N VAL B 87 15.92 5.69 -2.87
CA VAL B 87 15.06 5.50 -4.03
C VAL B 87 14.74 4.02 -4.13
N ASP B 88 13.45 3.69 -4.26
CA ASP B 88 13.04 2.29 -4.36
C ASP B 88 13.17 1.89 -5.83
N PHE B 89 14.35 1.39 -6.19
CA PHE B 89 14.62 0.99 -7.57
C PHE B 89 14.27 -0.47 -7.83
N ARG B 90 13.31 -1.03 -7.10
CA ARG B 90 13.04 -2.46 -7.28
C ARG B 90 12.49 -2.74 -8.66
N GLU B 91 11.54 -1.94 -9.13
CA GLU B 91 11.05 -2.12 -10.49
C GLU B 91 12.16 -1.91 -11.52
N LEU B 92 12.95 -0.84 -11.37
CA LEU B 92 14.05 -0.63 -12.30
C LEU B 92 15.02 -1.79 -12.25
N ASN B 93 15.35 -2.28 -11.05
CA ASN B 93 16.29 -3.38 -10.94
C ASN B 93 15.74 -4.67 -11.56
N LYS B 94 14.43 -4.89 -11.48
CA LYS B 94 13.86 -6.07 -12.12
C LYS B 94 14.03 -6.01 -13.63
N ARG B 95 14.07 -4.81 -14.20
CA ARG B 95 13.97 -4.61 -15.63
C ARG B 95 15.29 -4.27 -16.30
N THR B 96 16.39 -4.22 -15.55
CA THR B 96 17.72 -4.06 -16.13
C THR B 96 18.42 -5.42 -16.14
N GLN B 97 18.60 -5.99 -17.33
CA GLN B 97 19.24 -7.28 -17.45
C GLN B 97 20.68 -7.21 -16.95
N ASP B 98 21.02 -8.09 -16.01
CA ASP B 98 22.33 -8.06 -15.39
C ASP B 98 23.42 -8.33 -16.43
N PHE B 99 24.61 -7.78 -16.18
CA PHE B 99 25.74 -7.91 -17.10
C PHE B 99 26.91 -8.66 -16.47
N HIS B 108 30.38 -13.92 -5.92
CA HIS B 108 30.03 -14.11 -4.51
C HIS B 108 30.90 -15.18 -3.83
N PRO B 109 31.68 -14.74 -2.83
CA PRO B 109 32.60 -15.65 -2.13
C PRO B 109 31.87 -16.58 -1.16
N ALA B 110 32.06 -17.89 -1.34
CA ALA B 110 31.39 -18.87 -0.49
C ALA B 110 31.92 -18.87 0.94
N GLY B 111 33.08 -18.28 1.17
CA GLY B 111 33.70 -18.29 2.48
C GLY B 111 33.38 -17.11 3.37
N LEU B 112 32.65 -16.11 2.86
CA LEU B 112 32.29 -14.95 3.69
C LEU B 112 31.38 -15.35 4.85
N LYS B 113 30.39 -16.22 4.57
CA LYS B 113 29.51 -16.71 5.64
C LYS B 113 30.26 -17.52 6.69
N LYS B 114 31.48 -17.97 6.39
CA LYS B 114 32.27 -18.78 7.29
C LYS B 114 33.26 -17.97 8.10
N LYS B 115 33.25 -16.64 7.97
CA LYS B 115 34.19 -15.81 8.71
C LYS B 115 33.63 -15.47 10.09
N LYS B 116 34.53 -15.11 11.00
CA LYS B 116 34.13 -14.84 12.38
C LYS B 116 33.48 -13.47 12.53
N SER B 117 33.99 -12.47 11.82
CA SER B 117 33.39 -11.14 11.87
C SER B 117 33.20 -10.61 10.45
N VAL B 118 32.13 -9.84 10.26
CA VAL B 118 31.85 -9.16 8.99
C VAL B 118 31.32 -7.78 9.31
N THR B 119 31.89 -6.76 8.67
CA THR B 119 31.47 -5.38 8.81
C THR B 119 30.87 -4.89 7.49
N VAL B 120 29.74 -4.20 7.59
CA VAL B 120 29.03 -3.65 6.44
C VAL B 120 29.39 -2.17 6.33
N LEU B 121 29.96 -1.77 5.19
CA LEU B 121 30.41 -0.41 4.96
C LEU B 121 29.61 0.20 3.82
N ASP B 122 28.99 1.35 4.08
CA ASP B 122 28.32 2.08 3.01
C ASP B 122 29.38 2.68 2.09
N VAL B 123 29.38 2.26 0.83
CA VAL B 123 30.27 2.82 -0.18
C VAL B 123 29.47 3.43 -1.32
N GLY B 124 28.22 3.80 -1.07
CA GLY B 124 27.31 4.15 -2.14
C GLY B 124 27.72 5.42 -2.89
N ASP B 125 27.99 6.49 -2.16
CA ASP B 125 28.18 7.80 -2.80
C ASP B 125 29.38 7.85 -3.75
N ALA B 126 30.30 6.88 -3.67
CA ALA B 126 31.35 6.80 -4.67
C ALA B 126 30.78 6.75 -6.09
N TYR B 127 29.62 6.10 -6.26
CA TYR B 127 28.96 6.05 -7.55
C TYR B 127 28.75 7.43 -8.16
N PHE B 128 28.61 8.46 -7.32
CA PHE B 128 28.34 9.79 -7.83
C PHE B 128 29.54 10.41 -8.56
N SER B 129 30.67 9.71 -8.61
CA SER B 129 31.78 10.17 -9.44
C SER B 129 31.63 9.73 -10.89
N VAL B 130 30.95 8.60 -11.12
CA VAL B 130 30.83 8.05 -12.47
C VAL B 130 29.55 8.56 -13.11
N PRO B 131 29.62 9.15 -14.31
CA PRO B 131 28.40 9.62 -14.97
C PRO B 131 27.56 8.46 -15.47
N LEU B 132 26.26 8.72 -15.61
CA LEU B 132 25.30 7.73 -16.07
C LEU B 132 24.96 7.97 -17.54
N ASP B 133 24.86 6.88 -18.30
CA ASP B 133 24.54 6.95 -19.72
C ASP B 133 23.31 7.80 -19.98
N GLU B 134 23.39 8.70 -20.97
CA GLU B 134 22.34 9.68 -21.20
C GLU B 134 21.02 9.00 -21.56
N ASP B 135 21.05 8.09 -22.53
CA ASP B 135 19.82 7.44 -22.97
C ASP B 135 19.08 6.76 -21.81
N PHE B 136 19.83 6.25 -20.83
CA PHE B 136 19.23 5.52 -19.72
C PHE B 136 18.69 6.44 -18.62
N ARG B 137 19.11 7.71 -18.61
CA ARG B 137 18.77 8.57 -17.48
C ARG B 137 17.25 8.69 -17.28
N LYS B 138 16.48 8.70 -18.37
CA LYS B 138 15.03 8.84 -18.25
C LYS B 138 14.44 7.79 -17.31
N TYR B 139 15.04 6.60 -17.24
CA TYR B 139 14.45 5.55 -16.43
C TYR B 139 14.60 5.79 -14.92
N THR B 140 15.50 6.68 -14.51
CA THR B 140 15.74 6.92 -13.09
C THR B 140 14.91 8.07 -12.54
N ALA B 141 13.84 8.46 -13.23
CA ALA B 141 13.03 9.60 -12.82
C ALA B 141 12.35 9.34 -11.49
N PHE B 142 12.29 10.37 -10.64
CA PHE B 142 11.52 10.30 -9.40
C PHE B 142 10.82 11.63 -9.17
N THR B 143 9.84 11.62 -8.26
CA THR B 143 8.93 12.75 -8.04
C THR B 143 8.82 13.06 -6.56
N ILE B 144 9.33 14.21 -6.16
CA ILE B 144 9.18 14.70 -4.78
C ILE B 144 7.77 15.25 -4.60
N PRO B 145 7.00 14.75 -3.62
CA PRO B 145 5.61 15.20 -3.45
C PRO B 145 5.52 16.45 -2.59
N SER B 146 4.29 16.89 -2.34
CA SER B 146 4.04 18.16 -1.69
C SER B 146 3.04 17.97 -0.56
N ILE B 147 3.26 18.64 0.57
CA ILE B 147 2.28 18.56 1.64
C ILE B 147 1.00 19.22 1.16
N ASN B 148 -0.11 18.51 1.31
CA ASN B 148 -1.44 19.01 0.96
C ASN B 148 -1.50 19.45 -0.49
N ASN B 149 -0.64 18.84 -1.31
CA ASN B 149 -0.55 19.13 -2.74
C ASN B 149 -0.58 20.65 -2.99
N GLU B 150 0.32 21.35 -2.29
CA GLU B 150 0.46 22.78 -2.49
C GLU B 150 0.87 23.06 -3.93
N THR B 151 1.72 22.21 -4.48
CA THR B 151 2.26 22.31 -5.82
C THR B 151 2.16 20.93 -6.45
N PRO B 152 2.26 20.84 -7.77
CA PRO B 152 2.48 19.53 -8.39
C PRO B 152 3.83 18.99 -7.96
N GLY B 153 4.05 17.69 -8.19
CA GLY B 153 5.29 17.07 -7.80
C GLY B 153 6.47 17.68 -8.56
N ILE B 154 7.63 17.70 -7.92
CA ILE B 154 8.86 18.19 -8.57
C ILE B 154 9.62 16.95 -9.04
N ARG B 155 9.89 16.87 -10.34
CA ARG B 155 10.46 15.66 -10.92
C ARG B 155 11.94 15.82 -11.23
N TYR B 156 12.70 14.78 -10.94
CA TYR B 156 14.15 14.77 -11.16
C TYR B 156 14.54 13.49 -11.89
N GLN B 157 15.76 13.49 -12.41
CA GLN B 157 16.37 12.29 -12.94
C GLN B 157 17.87 12.35 -12.66
N TYR B 158 18.50 11.17 -12.65
CA TYR B 158 19.90 11.05 -12.29
C TYR B 158 20.81 11.30 -13.47
N ASN B 159 21.96 11.96 -13.21
CA ASN B 159 23.03 12.14 -14.18
C ASN B 159 24.25 11.29 -13.87
N VAL B 160 24.28 10.63 -12.72
CA VAL B 160 25.37 9.77 -12.32
C VAL B 160 24.77 8.45 -11.87
N LEU B 161 25.63 7.49 -11.57
CA LEU B 161 25.20 6.21 -11.03
C LEU B 161 24.39 6.44 -9.75
N PRO B 162 23.14 5.99 -9.70
CA PRO B 162 22.30 6.19 -8.51
C PRO B 162 22.51 5.12 -7.45
N GLN B 163 22.42 5.54 -6.19
CA GLN B 163 22.39 4.62 -5.06
C GLN B 163 21.11 3.80 -5.10
N GLY B 164 21.25 2.47 -5.13
CA GLY B 164 20.10 1.59 -5.09
C GLY B 164 19.76 0.89 -6.38
N TRP B 165 20.57 1.06 -7.42
CA TRP B 165 20.28 0.51 -8.73
C TRP B 165 21.27 -0.61 -9.05
N LYS B 166 20.75 -1.69 -9.66
CA LYS B 166 21.55 -2.86 -9.96
C LYS B 166 22.80 -2.50 -10.76
N GLY B 167 22.69 -1.57 -11.71
CA GLY B 167 23.80 -1.29 -12.58
C GLY B 167 24.95 -0.51 -11.95
N SER B 168 24.70 0.18 -10.84
CA SER B 168 25.74 1.04 -10.27
C SER B 168 26.95 0.24 -9.78
N PRO B 169 26.80 -0.79 -8.94
CA PRO B 169 28.00 -1.58 -8.58
C PRO B 169 28.58 -2.34 -9.75
N ALA B 170 27.77 -2.71 -10.75
CA ALA B 170 28.29 -3.40 -11.93
C ALA B 170 29.22 -2.49 -12.74
N ILE B 171 28.78 -1.27 -13.03
CA ILE B 171 29.60 -0.34 -13.80
C ILE B 171 30.84 0.05 -13.01
N PHE B 172 30.66 0.31 -11.71
CA PHE B 172 31.76 0.73 -10.84
C PHE B 172 32.69 -0.41 -10.46
N GLN B 173 32.43 -1.64 -10.91
CA GLN B 173 33.18 -2.79 -10.40
C GLN B 173 34.65 -2.73 -10.78
N SER B 174 34.98 -2.31 -12.01
CA SER B 174 36.38 -2.23 -12.41
C SER B 174 37.12 -1.19 -11.58
N SER B 175 36.50 -0.02 -11.40
CA SER B 175 37.07 0.99 -10.53
C SER B 175 37.19 0.49 -9.09
N MET B 176 36.18 -0.25 -8.63
CA MET B 176 36.22 -0.77 -7.26
C MET B 176 37.35 -1.78 -7.08
N THR B 177 37.54 -2.68 -8.06
CA THR B 177 38.63 -3.64 -7.97
C THR B 177 39.97 -2.93 -8.01
N LYS B 178 40.09 -1.87 -8.81
CA LYS B 178 41.32 -1.06 -8.75
C LYS B 178 41.51 -0.46 -7.36
N ILE B 179 40.43 0.00 -6.73
CA ILE B 179 40.54 0.55 -5.38
C ILE B 179 41.02 -0.52 -4.40
N LEU B 180 40.49 -1.73 -4.52
CA LEU B 180 40.71 -2.75 -3.51
C LEU B 180 41.91 -3.66 -3.78
N GLU B 181 42.56 -3.53 -4.94
CA GLU B 181 43.68 -4.42 -5.25
C GLU B 181 44.78 -4.40 -4.19
N PRO B 182 45.33 -3.24 -3.79
CA PRO B 182 46.41 -3.28 -2.79
C PRO B 182 45.96 -3.82 -1.45
N PHE B 183 44.73 -3.49 -1.03
CA PHE B 183 44.25 -3.97 0.26
C PHE B 183 44.09 -5.49 0.26
N ARG B 184 43.55 -6.05 -0.82
CA ARG B 184 43.45 -7.51 -0.92
C ARG B 184 44.83 -8.15 -0.95
N LYS B 185 45.75 -7.57 -1.74
CA LYS B 185 47.09 -8.15 -1.83
C LYS B 185 47.77 -8.17 -0.46
N GLN B 186 47.74 -7.05 0.25
CA GLN B 186 48.40 -6.97 1.56
C GLN B 186 47.66 -7.75 2.62
N ASN B 187 46.35 -7.97 2.47
CA ASN B 187 45.53 -8.67 3.46
C ASN B 187 44.80 -9.84 2.82
N PRO B 188 45.53 -10.92 2.49
CA PRO B 188 44.88 -12.03 1.77
C PRO B 188 43.88 -12.81 2.61
N ASP B 189 43.96 -12.71 3.95
CA ASP B 189 43.02 -13.43 4.81
C ASP B 189 41.65 -12.76 4.90
N ILE B 190 41.50 -11.55 4.34
CA ILE B 190 40.25 -10.81 4.42
C ILE B 190 39.42 -11.09 3.18
N VAL B 191 38.10 -11.09 3.36
CA VAL B 191 37.14 -11.36 2.28
C VAL B 191 36.28 -10.12 2.10
N ILE B 192 36.43 -9.45 0.96
CA ILE B 192 35.64 -8.26 0.65
C ILE B 192 34.65 -8.61 -0.46
N TYR B 193 33.36 -8.43 -0.17
CA TYR B 193 32.30 -8.73 -1.12
C TYR B 193 31.39 -7.51 -1.28
N GLN B 194 31.16 -7.10 -2.52
CA GLN B 194 30.28 -5.97 -2.77
C GLN B 194 28.87 -6.48 -3.06
N TYR B 195 27.89 -5.97 -2.33
CA TYR B 195 26.50 -6.06 -2.74
C TYR B 195 26.01 -4.62 -2.78
N MET B 196 24.89 -4.37 -3.46
CA MET B 196 24.75 -3.13 -4.21
C MET B 196 25.47 -1.91 -3.62
N ASP B 197 25.03 -1.38 -2.48
CA ASP B 197 25.58 -0.11 -2.03
C ASP B 197 26.63 -0.26 -0.94
N ASP B 198 26.98 -1.49 -0.56
CA ASP B 198 27.77 -1.75 0.62
C ASP B 198 28.86 -2.76 0.29
N LEU B 199 29.95 -2.67 1.05
CA LEU B 199 30.94 -3.72 1.12
C LEU B 199 30.74 -4.53 2.39
N TYR B 200 30.95 -5.83 2.27
CA TYR B 200 30.94 -6.77 3.38
C TYR B 200 32.38 -7.25 3.56
N VAL B 201 32.99 -6.89 4.67
CA VAL B 201 34.41 -7.17 4.93
C VAL B 201 34.46 -8.19 6.06
N GLY B 202 34.95 -9.38 5.77
CA GLY B 202 34.94 -10.48 6.73
C GLY B 202 36.33 -11.01 7.00
N SER B 203 36.55 -11.42 8.25
CA SER B 203 37.84 -11.92 8.71
C SER B 203 37.64 -12.78 9.95
N ASP B 204 38.76 -13.26 10.50
CA ASP B 204 38.77 -14.06 11.72
C ASP B 204 39.61 -13.42 12.81
N LEU B 205 39.88 -12.12 12.71
CA LEU B 205 40.73 -11.45 13.67
C LEU B 205 39.94 -11.08 14.92
N GLU B 206 40.66 -10.86 16.02
CA GLU B 206 40.05 -10.36 17.24
C GLU B 206 39.32 -9.05 16.95
N ILE B 207 38.29 -8.77 17.77
CA ILE B 207 37.38 -7.65 17.49
C ILE B 207 38.16 -6.36 17.27
N GLY B 208 39.12 -6.07 18.16
CA GLY B 208 39.83 -4.81 18.07
C GLY B 208 40.73 -4.72 16.84
N GLN B 209 41.47 -5.79 16.57
CA GLN B 209 42.34 -5.81 15.39
C GLN B 209 41.51 -5.78 14.10
N HIS B 210 40.38 -6.48 14.11
CA HIS B 210 39.45 -6.41 12.98
C HIS B 210 38.98 -4.98 12.75
N ARG B 211 38.60 -4.28 13.82
CA ARG B 211 38.17 -2.89 13.67
C ARG B 211 39.29 -2.02 13.12
N THR B 212 40.53 -2.26 13.57
CA THR B 212 41.65 -1.48 13.04
C THR B 212 41.84 -1.73 11.54
N LYS B 213 41.68 -2.99 11.11
CA LYS B 213 41.77 -3.29 9.68
C LYS B 213 40.63 -2.63 8.90
N ILE B 214 39.43 -2.59 9.48
CA ILE B 214 38.31 -1.91 8.83
C ILE B 214 38.62 -0.42 8.70
N GLU B 215 39.30 0.15 9.70
CA GLU B 215 39.65 1.57 9.61
C GLU B 215 40.74 1.81 8.57
N GLU B 216 41.68 0.86 8.44
CA GLU B 216 42.61 0.90 7.31
C GLU B 216 41.86 0.95 5.99
N LEU B 217 40.85 0.09 5.86
CA LEU B 217 40.09 0.06 4.60
C LEU B 217 39.30 1.34 4.39
N ARG B 218 38.79 1.93 5.48
CA ARG B 218 38.07 3.20 5.35
C ARG B 218 39.00 4.32 4.90
N GLN B 219 40.20 4.38 5.48
CA GLN B 219 41.19 5.36 5.03
C GLN B 219 41.55 5.13 3.57
N HIS B 220 41.64 3.87 3.14
CA HIS B 220 41.88 3.57 1.73
C HIS B 220 40.76 4.11 0.86
N LEU B 221 39.51 3.90 1.28
CA LEU B 221 38.37 4.42 0.51
C LEU B 221 38.40 5.94 0.45
N LEU B 222 38.83 6.58 1.54
CA LEU B 222 38.87 8.04 1.56
C LEU B 222 40.00 8.59 0.70
N ARG B 223 41.12 7.85 0.58
CA ARG B 223 42.24 8.30 -0.24
C ARG B 223 41.84 8.52 -1.70
N TRP B 224 40.79 7.85 -2.17
CA TRP B 224 40.25 8.11 -3.50
C TRP B 224 39.39 9.37 -3.49
N GLU B 245 29.98 -5.58 13.10
CA GLU B 245 28.80 -5.81 13.93
C GLU B 245 27.97 -6.96 13.38
N LEU B 246 28.64 -7.94 12.77
CA LEU B 246 27.97 -9.12 12.22
C LEU B 246 28.84 -10.34 12.49
N HIS B 247 28.22 -11.40 12.98
CA HIS B 247 28.95 -12.62 13.36
C HIS B 247 28.29 -13.83 12.71
N PRO B 248 28.79 -14.28 11.56
CA PRO B 248 28.14 -15.36 10.83
C PRO B 248 28.35 -16.73 11.48
N ASP B 249 28.82 -16.76 12.72
CA ASP B 249 28.95 -17.99 13.49
C ASP B 249 27.67 -18.32 14.27
N LYS B 250 27.04 -17.33 14.89
CA LYS B 250 25.80 -17.55 15.64
C LYS B 250 24.62 -17.92 14.73
N TRP B 251 24.80 -17.89 13.42
CA TRP B 251 23.70 -18.13 12.50
C TRP B 251 23.33 -19.60 12.49
N THR B 252 22.48 -20.01 13.43
CA THR B 252 22.18 -21.42 13.66
C THR B 252 20.98 -21.85 12.83
N VAL B 253 21.13 -22.93 12.09
CA VAL B 253 19.99 -23.57 11.45
C VAL B 253 19.22 -24.27 12.56
N GLN B 254 18.16 -23.62 13.04
CA GLN B 254 17.48 -24.17 14.21
C GLN B 254 16.45 -25.20 13.78
N PRO B 255 16.43 -26.37 14.41
CA PRO B 255 15.64 -27.49 13.90
C PRO B 255 14.17 -27.38 14.29
N ILE B 256 13.41 -28.40 13.86
CA ILE B 256 12.04 -28.60 14.31
C ILE B 256 12.08 -29.53 15.50
N VAL B 257 11.47 -29.10 16.61
CA VAL B 257 11.55 -29.81 17.87
C VAL B 257 10.18 -30.33 18.25
N LEU B 258 10.14 -31.53 18.80
CA LEU B 258 8.88 -32.15 19.21
C LEU B 258 8.70 -32.06 20.72
N PRO B 259 7.47 -31.87 21.19
CA PRO B 259 7.26 -31.72 22.64
C PRO B 259 7.64 -32.98 23.41
N GLU B 260 8.33 -32.78 24.52
CA GLU B 260 8.71 -33.86 25.43
C GLU B 260 7.75 -33.85 26.60
N LYS B 261 7.07 -34.97 26.83
CA LYS B 261 6.07 -35.08 27.88
C LYS B 261 6.16 -36.44 28.54
N ASP B 262 5.81 -36.49 29.82
CA ASP B 262 5.63 -37.74 30.54
C ASP B 262 4.16 -38.07 30.75
N SER B 263 3.28 -37.35 30.07
CA SER B 263 1.83 -37.56 30.18
C SER B 263 1.17 -36.93 28.96
N TRP B 264 0.47 -37.75 28.18
CA TRP B 264 -0.05 -37.34 26.88
C TRP B 264 -1.56 -37.52 26.84
N THR B 265 -2.28 -36.44 26.56
CA THR B 265 -3.71 -36.50 26.31
C THR B 265 -3.97 -36.82 24.83
N VAL B 266 -5.21 -37.23 24.55
CA VAL B 266 -5.62 -37.47 23.17
C VAL B 266 -5.36 -36.23 22.33
N ASN B 267 -5.65 -35.06 22.90
CA ASN B 267 -5.39 -33.79 22.23
C ASN B 267 -3.91 -33.66 21.88
N ASP B 268 -3.02 -33.91 22.85
CA ASP B 268 -1.58 -33.80 22.59
C ASP B 268 -1.16 -34.73 21.45
N ILE B 269 -1.65 -35.96 21.45
CA ILE B 269 -1.23 -36.90 20.43
C ILE B 269 -1.83 -36.53 19.07
N GLN B 270 -3.02 -35.95 19.06
CA GLN B 270 -3.58 -35.47 17.79
C GLN B 270 -2.73 -34.32 17.24
N LYS B 271 -2.35 -33.37 18.09
CA LYS B 271 -1.48 -32.28 17.65
C LYS B 271 -0.16 -32.83 17.12
N LEU B 272 0.40 -33.83 17.80
CA LEU B 272 1.68 -34.38 17.38
C LEU B 272 1.56 -35.12 16.04
N VAL B 273 0.47 -35.87 15.86
CA VAL B 273 0.28 -36.60 14.61
C VAL B 273 0.06 -35.61 13.46
N GLY B 274 -0.65 -34.52 13.70
CA GLY B 274 -0.81 -33.52 12.66
C GLY B 274 0.52 -32.87 12.28
N LYS B 275 1.31 -32.51 13.29
CA LYS B 275 2.60 -31.90 13.02
C LYS B 275 3.52 -32.85 12.26
N LEU B 276 3.55 -34.12 12.66
CA LEU B 276 4.41 -35.09 11.99
C LEU B 276 3.93 -35.39 10.58
N ASN B 277 2.62 -35.38 10.36
CA ASN B 277 2.10 -35.60 9.01
C ASN B 277 2.46 -34.42 8.11
N TRP B 278 2.51 -33.21 8.66
CA TRP B 278 3.03 -32.08 7.90
C TRP B 278 4.52 -32.26 7.62
N ALA B 279 5.30 -32.54 8.66
CA ALA B 279 6.75 -32.65 8.53
C ALA B 279 7.20 -33.81 7.66
N SER B 280 6.36 -34.82 7.45
CA SER B 280 6.73 -35.87 6.52
C SER B 280 6.79 -35.37 5.08
N GLN B 281 6.13 -34.24 4.77
CA GLN B 281 6.31 -33.62 3.48
C GLN B 281 7.74 -33.11 3.28
N ILE B 282 8.52 -33.03 4.35
CA ILE B 282 9.90 -32.58 4.31
C ILE B 282 10.86 -33.73 4.55
N TYR B 283 10.59 -34.54 5.58
CA TYR B 283 11.41 -35.70 5.94
C TYR B 283 10.58 -36.95 5.69
N PRO B 284 10.69 -37.58 4.52
CA PRO B 284 9.78 -38.69 4.20
C PRO B 284 9.93 -39.89 5.11
N GLY B 285 11.03 -40.02 5.84
CA GLY B 285 11.24 -41.15 6.73
C GLY B 285 10.39 -41.14 7.99
N ILE B 286 9.53 -40.15 8.15
CA ILE B 286 8.73 -40.01 9.36
C ILE B 286 7.55 -40.98 9.30
N LYS B 287 7.39 -41.77 10.36
CA LYS B 287 6.27 -42.70 10.50
C LYS B 287 5.32 -42.21 11.59
N VAL B 288 4.05 -42.55 11.44
CA VAL B 288 2.99 -42.07 12.33
C VAL B 288 2.14 -43.26 12.75
N ARG B 289 2.36 -44.40 12.10
CA ARG B 289 1.54 -45.59 12.28
C ARG B 289 1.34 -45.93 13.76
N GLN B 290 2.44 -46.10 14.49
CA GLN B 290 2.33 -46.54 15.87
C GLN B 290 1.69 -45.47 16.76
N LEU B 291 2.04 -44.19 16.53
CA LEU B 291 1.38 -43.13 17.28
C LEU B 291 -0.08 -43.00 16.89
N SER B 292 -0.38 -43.13 15.60
CA SER B 292 -1.76 -43.00 15.14
C SER B 292 -2.65 -44.11 15.70
N LYS B 293 -2.09 -45.30 15.91
CA LYS B 293 -2.86 -46.40 16.49
C LYS B 293 -3.29 -46.11 17.92
N LEU B 294 -2.56 -45.27 18.64
CA LEU B 294 -2.91 -44.92 20.01
C LEU B 294 -4.24 -44.18 20.12
N LEU B 295 -4.82 -43.75 19.00
CA LEU B 295 -5.99 -42.90 19.03
C LEU B 295 -7.29 -43.62 18.67
N ARG B 296 -7.22 -44.89 18.25
CA ARG B 296 -8.40 -45.62 17.80
C ARG B 296 -9.54 -45.48 18.80
N GLY B 297 -10.71 -45.13 18.30
CA GLY B 297 -11.86 -44.83 19.13
C GLY B 297 -12.18 -43.35 19.17
N THR B 298 -13.37 -43.05 19.68
CA THR B 298 -13.87 -41.68 19.79
C THR B 298 -13.63 -41.19 21.22
N LYS B 299 -12.38 -40.91 21.54
CA LYS B 299 -11.99 -40.59 22.90
C LYS B 299 -12.13 -39.09 23.19
N ALA B 300 -12.26 -38.77 24.47
CA ALA B 300 -12.26 -37.39 24.91
C ALA B 300 -10.89 -36.78 24.68
N LEU B 301 -10.88 -35.49 24.35
CA LEU B 301 -9.63 -34.79 24.12
C LEU B 301 -8.78 -34.77 25.36
N THR B 302 -9.40 -34.60 26.53
CA THR B 302 -8.63 -34.53 27.75
C THR B 302 -8.26 -35.91 28.30
N GLU B 303 -8.69 -37.00 27.68
CA GLU B 303 -8.37 -38.35 28.17
C GLU B 303 -6.87 -38.60 28.05
N VAL B 304 -6.30 -39.19 29.10
CA VAL B 304 -4.87 -39.49 29.13
C VAL B 304 -4.62 -40.79 28.38
N ILE B 305 -3.49 -40.84 27.65
CA ILE B 305 -3.14 -41.99 26.83
C ILE B 305 -1.70 -42.34 27.14
N PRO B 306 -1.41 -43.51 27.70
CA PRO B 306 -0.01 -43.91 27.86
C PRO B 306 0.60 -44.25 26.51
N LEU B 307 1.89 -43.94 26.38
CA LEU B 307 2.63 -44.23 25.16
C LEU B 307 3.13 -45.66 25.20
N THR B 308 2.63 -46.50 24.29
CA THR B 308 3.17 -47.84 24.13
C THR B 308 4.62 -47.76 23.68
N GLU B 309 5.42 -48.74 24.14
CA GLU B 309 6.82 -48.78 23.76
C GLU B 309 6.99 -48.79 22.24
N GLU B 310 6.06 -49.46 21.54
CA GLU B 310 6.11 -49.46 20.08
C GLU B 310 5.95 -48.05 19.52
N ALA B 311 5.13 -47.22 20.17
CA ALA B 311 4.93 -45.84 19.72
C ALA B 311 5.98 -44.89 20.29
N GLU B 312 6.51 -45.17 21.47
CA GLU B 312 7.57 -44.33 22.01
C GLU B 312 8.85 -44.48 21.20
N LEU B 313 9.12 -45.71 20.72
CA LEU B 313 10.25 -45.90 19.81
C LEU B 313 10.03 -45.15 18.51
N GLU B 314 8.79 -45.12 18.02
CA GLU B 314 8.51 -44.38 16.79
C GLU B 314 8.69 -42.87 16.99
N LEU B 315 8.24 -42.35 18.13
CA LEU B 315 8.45 -40.94 18.44
C LEU B 315 9.93 -40.62 18.55
N ALA B 316 10.71 -41.51 19.16
CA ALA B 316 12.16 -41.29 19.25
C ALA B 316 12.81 -41.33 17.86
N GLU B 317 12.40 -42.27 17.02
CA GLU B 317 12.88 -42.31 15.64
C GLU B 317 12.59 -40.99 14.92
N ASN B 318 11.35 -40.51 15.02
CA ASN B 318 11.00 -39.25 14.39
C ASN B 318 11.81 -38.09 14.95
N ARG B 319 12.05 -38.10 16.27
CA ARG B 319 12.85 -37.04 16.87
C ARG B 319 14.25 -37.02 16.29
N GLU B 320 14.84 -38.20 16.11
CA GLU B 320 16.18 -38.28 15.52
C GLU B 320 16.17 -37.91 14.05
N ILE B 321 15.09 -38.23 13.34
CA ILE B 321 15.03 -37.97 11.90
C ILE B 321 15.05 -36.47 11.62
N LEU B 322 14.40 -35.68 12.48
CA LEU B 322 14.42 -34.23 12.33
C LEU B 322 15.78 -33.62 12.64
N LYS B 323 16.77 -34.42 13.05
CA LYS B 323 18.11 -33.91 13.34
C LYS B 323 18.99 -33.90 12.10
N GLU B 324 18.95 -34.95 11.30
CA GLU B 324 19.71 -35.00 10.07
C GLU B 324 19.16 -34.01 9.06
N PRO B 325 20.00 -33.51 8.15
CA PRO B 325 19.56 -32.45 7.24
C PRO B 325 18.58 -32.97 6.19
N VAL B 326 17.98 -32.02 5.47
CA VAL B 326 17.09 -32.35 4.37
C VAL B 326 17.92 -32.77 3.17
N HIS B 327 17.55 -33.88 2.54
CA HIS B 327 18.27 -34.37 1.39
C HIS B 327 17.64 -33.82 0.11
N GLY B 328 18.47 -33.69 -0.93
CA GLY B 328 18.00 -33.18 -2.21
C GLY B 328 17.77 -31.68 -2.25
N VAL B 329 18.55 -30.91 -1.48
CA VAL B 329 18.38 -29.46 -1.39
C VAL B 329 19.64 -28.82 -1.96
N TYR B 330 19.56 -28.34 -3.20
CA TYR B 330 20.69 -27.70 -3.86
C TYR B 330 20.31 -26.26 -4.20
N TYR B 331 21.24 -25.34 -3.94
CA TYR B 331 20.98 -23.94 -4.24
C TYR B 331 21.00 -23.71 -5.75
N ASP B 332 20.02 -22.95 -6.24
CA ASP B 332 19.90 -22.64 -7.66
C ASP B 332 20.06 -21.14 -7.90
N PRO B 333 21.16 -20.67 -8.48
CA PRO B 333 21.32 -19.22 -8.69
C PRO B 333 20.30 -18.63 -9.65
N SER B 334 19.75 -19.41 -10.58
CA SER B 334 18.76 -18.88 -11.51
C SER B 334 17.44 -18.56 -10.80
N LYS B 335 16.82 -19.57 -10.17
CA LYS B 335 15.60 -19.32 -9.42
C LYS B 335 15.88 -18.44 -8.21
N ASP B 336 14.92 -17.58 -7.86
CA ASP B 336 15.17 -16.64 -6.78
C ASP B 336 14.71 -17.21 -5.44
N LEU B 337 15.14 -16.54 -4.38
CA LEU B 337 14.90 -17.01 -3.01
C LEU B 337 13.55 -16.57 -2.51
N ILE B 338 12.87 -17.47 -1.81
CA ILE B 338 11.59 -17.21 -1.18
C ILE B 338 11.79 -17.29 0.33
N ALA B 339 11.33 -16.26 1.04
CA ALA B 339 11.43 -16.22 2.49
C ALA B 339 10.03 -16.05 3.08
N GLU B 340 9.56 -17.05 3.82
CA GLU B 340 8.31 -16.93 4.55
C GLU B 340 8.60 -16.55 6.00
N ILE B 341 7.71 -15.76 6.59
CA ILE B 341 7.80 -15.36 7.98
C ILE B 341 6.48 -15.66 8.67
N GLN B 342 6.56 -16.16 9.90
CA GLN B 342 5.40 -16.44 10.73
C GLN B 342 5.53 -15.67 12.04
N LYS B 343 4.47 -14.96 12.42
CA LYS B 343 4.44 -14.30 13.72
C LYS B 343 4.05 -15.31 14.78
N GLN B 344 4.95 -15.58 15.72
CA GLN B 344 4.65 -16.55 16.76
C GLN B 344 4.01 -15.93 17.98
N GLY B 345 4.18 -14.64 18.20
CA GLY B 345 3.59 -13.98 19.36
C GLY B 345 4.63 -13.63 20.38
N GLN B 346 4.47 -12.49 21.05
CA GLN B 346 5.34 -12.07 22.14
C GLN B 346 6.79 -11.91 21.68
N GLY B 347 6.98 -11.11 20.64
CA GLY B 347 8.31 -10.77 20.16
C GLY B 347 9.05 -11.86 19.44
N GLN B 348 8.37 -12.95 19.06
CA GLN B 348 9.01 -14.11 18.44
C GLN B 348 8.54 -14.24 17.00
N TRP B 349 9.48 -14.46 16.08
CA TRP B 349 9.15 -14.63 14.67
C TRP B 349 9.97 -15.79 14.13
N THR B 350 9.38 -16.56 13.21
CA THR B 350 10.09 -17.66 12.58
C THR B 350 10.13 -17.43 11.07
N TYR B 351 11.18 -17.93 10.42
CA TYR B 351 11.29 -17.71 8.98
C TYR B 351 11.91 -18.93 8.32
N GLN B 352 11.54 -19.13 7.07
CA GLN B 352 12.13 -20.16 6.22
C GLN B 352 12.57 -19.54 4.91
N ILE B 353 13.75 -19.94 4.44
CA ILE B 353 14.30 -19.53 3.15
C ILE B 353 14.43 -20.78 2.30
N TYR B 354 13.71 -20.81 1.17
CA TYR B 354 13.67 -21.95 0.28
C TYR B 354 13.53 -21.45 -1.16
N GLN B 355 13.60 -22.38 -2.11
CA GLN B 355 13.29 -22.08 -3.51
C GLN B 355 12.15 -22.92 -4.05
N GLU B 356 12.16 -24.21 -3.79
CA GLU B 356 11.00 -25.03 -4.03
C GLU B 356 10.36 -25.41 -2.70
N PRO B 357 9.05 -25.65 -2.65
CA PRO B 357 8.40 -25.92 -1.36
C PRO B 357 8.95 -27.17 -0.69
N PHE B 358 9.11 -27.07 0.62
CA PHE B 358 9.60 -28.08 1.58
C PHE B 358 11.09 -28.37 1.42
N LYS B 359 11.79 -27.79 0.45
CA LYS B 359 13.25 -27.90 0.38
C LYS B 359 13.89 -26.63 0.95
N ASN B 360 13.75 -26.47 2.26
CA ASN B 360 14.25 -25.27 2.93
C ASN B 360 15.76 -25.18 2.85
N LEU B 361 16.27 -24.04 2.38
CA LEU B 361 17.70 -23.79 2.45
C LEU B 361 18.12 -23.42 3.87
N LYS B 362 17.23 -22.78 4.62
CA LYS B 362 17.58 -22.33 5.96
C LYS B 362 16.31 -22.01 6.72
N THR B 363 16.21 -22.46 7.96
CA THR B 363 15.15 -22.03 8.85
C THR B 363 15.78 -21.23 9.99
N GLY B 364 14.96 -20.39 10.62
CA GLY B 364 15.52 -19.59 11.69
C GLY B 364 14.42 -18.93 12.48
N LYS B 365 14.85 -18.25 13.54
CA LYS B 365 13.98 -17.44 14.36
C LYS B 365 14.61 -16.08 14.58
N TYR B 366 13.76 -15.07 14.70
CA TYR B 366 14.16 -13.74 15.15
C TYR B 366 13.43 -13.46 16.46
N ALA B 367 14.19 -13.24 17.52
CA ALA B 367 13.61 -13.12 18.86
C ALA B 367 13.90 -11.74 19.44
N ARG B 368 12.86 -10.94 19.60
CA ARG B 368 12.99 -9.61 20.19
C ARG B 368 12.45 -9.64 21.62
N MET B 369 12.56 -8.50 22.31
CA MET B 369 12.16 -8.43 23.70
C MET B 369 10.65 -8.43 23.84
N ARG B 370 10.15 -9.18 24.82
CA ARG B 370 8.72 -9.22 25.12
C ARG B 370 8.40 -7.99 25.98
N GLY B 371 7.98 -6.92 25.31
CA GLY B 371 7.73 -5.64 25.96
C GLY B 371 6.26 -5.27 26.00
N ALA B 372 5.97 -4.23 26.80
CA ALA B 372 4.60 -3.77 26.94
C ALA B 372 4.10 -3.12 25.67
N HIS B 373 4.85 -2.14 25.14
CA HIS B 373 4.49 -1.45 23.91
C HIS B 373 5.27 -2.06 22.73
N THR B 374 4.84 -3.25 22.34
CA THR B 374 5.47 -3.97 21.24
C THR B 374 4.88 -3.48 19.91
N ASN B 375 5.75 -3.25 18.93
CA ASN B 375 5.34 -2.79 17.61
C ASN B 375 5.55 -3.92 16.60
N ASP B 376 4.46 -4.57 16.22
CA ASP B 376 4.54 -5.70 15.28
C ASP B 376 5.20 -5.29 13.98
N VAL B 377 4.83 -4.11 13.44
CA VAL B 377 5.40 -3.70 12.17
C VAL B 377 6.90 -3.42 12.32
N LYS B 378 7.29 -2.74 13.40
CA LYS B 378 8.71 -2.50 13.64
C LYS B 378 9.48 -3.81 13.73
N GLN B 379 8.95 -4.79 14.46
CA GLN B 379 9.62 -6.07 14.59
C GLN B 379 9.72 -6.77 13.25
N LEU B 380 8.64 -6.77 12.48
CA LEU B 380 8.68 -7.43 11.18
C LEU B 380 9.68 -6.76 10.25
N THR B 381 9.83 -5.43 10.36
CA THR B 381 10.78 -4.73 9.50
C THR B 381 12.21 -5.11 9.87
N GLU B 382 12.53 -5.08 11.16
CA GLU B 382 13.84 -5.54 11.60
C GLU B 382 14.08 -6.99 11.17
N ALA B 383 13.06 -7.84 11.24
CA ALA B 383 13.23 -9.25 10.86
C ALA B 383 13.56 -9.37 9.38
N VAL B 384 12.82 -8.68 8.51
CA VAL B 384 13.12 -8.79 7.08
C VAL B 384 14.50 -8.22 6.78
N GLN B 385 14.91 -7.16 7.49
CA GLN B 385 16.26 -6.64 7.29
C GLN B 385 17.30 -7.68 7.72
N LYS B 386 17.09 -8.36 8.85
CA LYS B 386 18.06 -9.34 9.30
C LYS B 386 18.14 -10.50 8.33
N ILE B 387 17.00 -11.03 7.90
CA ILE B 387 16.97 -12.13 6.95
C ILE B 387 17.64 -11.72 5.63
N THR B 388 17.40 -10.50 5.18
CA THR B 388 17.99 -10.09 3.91
C THR B 388 19.49 -9.92 4.02
N THR B 389 19.97 -9.38 5.14
CA THR B 389 21.41 -9.35 5.39
C THR B 389 21.99 -10.75 5.34
N GLU B 390 21.31 -11.69 6.01
CA GLU B 390 21.82 -13.06 6.07
C GLU B 390 21.86 -13.70 4.68
N SER B 391 20.85 -13.45 3.86
CA SER B 391 20.85 -13.97 2.50
C SER B 391 21.92 -13.32 1.64
N ILE B 392 22.13 -12.00 1.79
CA ILE B 392 23.18 -11.36 1.01
C ILE B 392 24.52 -11.94 1.38
N VAL B 393 24.70 -12.31 2.66
CA VAL B 393 25.97 -12.86 3.08
C VAL B 393 26.11 -14.30 2.62
N ILE B 394 25.05 -15.09 2.71
CA ILE B 394 25.15 -16.52 2.41
C ILE B 394 25.15 -16.75 0.91
N TRP B 395 24.07 -16.34 0.24
CA TRP B 395 23.86 -16.67 -1.16
C TRP B 395 24.17 -15.55 -2.12
N GLY B 396 24.21 -14.31 -1.65
CA GLY B 396 24.53 -13.19 -2.49
C GLY B 396 23.35 -12.55 -3.19
N LYS B 397 22.12 -12.89 -2.81
CA LYS B 397 20.97 -12.23 -3.40
C LYS B 397 19.89 -12.09 -2.33
N THR B 398 18.99 -11.05 -2.53
CA THR B 398 17.96 -10.96 -1.51
C THR B 398 16.77 -11.85 -1.87
N PRO B 399 16.00 -12.28 -0.89
CA PRO B 399 14.83 -13.10 -1.18
C PRO B 399 13.58 -12.27 -1.39
N LYS B 400 12.64 -12.85 -2.13
CA LYS B 400 11.28 -12.35 -2.19
C LYS B 400 10.55 -12.79 -0.91
N PHE B 401 9.98 -11.84 -0.17
CA PHE B 401 9.38 -12.10 1.13
C PHE B 401 7.88 -12.31 1.01
N LYS B 402 7.38 -13.30 1.73
CA LYS B 402 5.95 -13.46 1.99
C LYS B 402 5.72 -12.90 3.39
N LEU B 403 4.99 -11.79 3.48
CA LEU B 403 4.85 -11.07 4.72
C LEU B 403 3.49 -11.33 5.33
N PRO B 404 3.41 -11.84 6.56
CA PRO B 404 2.12 -12.10 7.22
C PRO B 404 1.52 -10.80 7.77
N ILE B 405 0.98 -9.99 6.87
CA ILE B 405 0.45 -8.68 7.26
C ILE B 405 -0.44 -8.21 6.14
N GLN B 406 -1.45 -7.41 6.49
CA GLN B 406 -2.26 -6.74 5.48
C GLN B 406 -1.38 -5.74 4.74
N LYS B 407 -1.59 -5.62 3.42
CA LYS B 407 -0.72 -4.79 2.60
C LYS B 407 -0.68 -3.33 3.09
N GLU B 408 -1.82 -2.82 3.54
CA GLU B 408 -1.91 -1.38 3.84
C GLU B 408 -1.17 -1.01 5.11
N THR B 409 -1.27 -1.83 6.16
CA THR B 409 -0.51 -1.57 7.38
C THR B 409 0.99 -1.50 7.09
N TRP B 410 1.49 -2.49 6.35
CA TRP B 410 2.90 -2.52 5.99
C TRP B 410 3.28 -1.29 5.17
N GLU B 411 2.53 -1.01 4.11
CA GLU B 411 2.88 0.12 3.25
C GLU B 411 2.79 1.44 4.00
N THR B 412 1.92 1.51 5.01
CA THR B 412 1.78 2.72 5.81
C THR B 412 2.94 2.92 6.76
N TRP B 413 3.52 1.85 7.31
CA TRP B 413 4.49 2.08 8.37
C TRP B 413 5.90 1.53 8.17
N TRP B 414 6.16 0.69 7.17
CA TRP B 414 7.46 0.03 7.09
C TRP B 414 8.60 1.04 6.93
N THR B 415 8.35 2.16 6.25
CA THR B 415 9.41 3.15 6.04
C THR B 415 9.86 3.78 7.36
N GLU B 416 8.96 3.85 8.34
CA GLU B 416 9.32 4.44 9.63
C GLU B 416 10.41 3.66 10.35
N TYR B 417 10.66 2.41 9.96
CA TYR B 417 11.63 1.56 10.63
C TYR B 417 12.72 1.03 9.70
N TRP B 418 12.63 1.29 8.40
CA TRP B 418 13.65 0.84 7.47
C TRP B 418 14.97 1.57 7.70
N GLN B 419 16.06 0.80 7.69
CA GLN B 419 17.40 1.32 7.94
C GLN B 419 18.45 0.87 6.92
N ALA B 420 18.15 -0.08 6.04
CA ALA B 420 19.12 -0.55 5.05
C ALA B 420 19.04 0.28 3.77
N THR B 421 20.12 0.22 2.97
CA THR B 421 20.11 0.94 1.70
C THR B 421 19.42 0.16 0.59
N TRP B 422 19.25 -1.15 0.74
CA TRP B 422 18.51 -1.94 -0.23
C TRP B 422 17.08 -2.14 0.25
N ILE B 423 16.28 -2.73 -0.64
CA ILE B 423 14.88 -3.07 -0.38
C ILE B 423 14.61 -4.41 -1.03
N PRO B 424 14.16 -5.41 -0.29
CA PRO B 424 13.81 -6.69 -0.91
C PRO B 424 12.44 -6.61 -1.56
N GLU B 425 12.20 -7.57 -2.44
CA GLU B 425 10.86 -7.76 -2.97
C GLU B 425 10.00 -8.46 -1.93
N TRP B 426 8.70 -8.17 -1.97
CA TRP B 426 7.79 -8.78 -1.02
C TRP B 426 6.40 -8.91 -1.61
N GLU B 427 5.65 -9.87 -1.07
CA GLU B 427 4.22 -10.01 -1.29
C GLU B 427 3.57 -10.23 0.05
N PHE B 428 2.24 -10.18 0.09
CA PHE B 428 1.49 -10.22 1.33
C PHE B 428 0.56 -11.42 1.31
N VAL B 429 0.72 -12.29 2.30
CA VAL B 429 -0.04 -13.53 2.38
C VAL B 429 -0.72 -13.61 3.75
N ASN B 430 -1.87 -14.27 3.78
CA ASN B 430 -2.54 -14.63 5.03
C ASN B 430 -2.00 -15.99 5.46
N THR B 431 -1.11 -15.99 6.45
CA THR B 431 -0.44 -17.21 6.88
C THR B 431 -1.46 -18.20 7.45
N PRO B 432 -1.46 -19.46 6.99
CA PRO B 432 -2.44 -20.41 7.48
C PRO B 432 -2.18 -20.76 8.94
N PRO B 433 -3.23 -21.00 9.73
CA PRO B 433 -3.02 -21.25 11.16
C PRO B 433 -2.15 -22.46 11.47
N LEU B 434 -1.94 -23.35 10.51
CA LEU B 434 -1.17 -24.56 10.75
C LEU B 434 0.33 -24.37 10.58
N VAL B 435 0.78 -23.53 9.63
CA VAL B 435 2.22 -23.36 9.41
C VAL B 435 2.90 -22.79 10.65
N LYS B 436 2.26 -21.78 11.26
CA LYS B 436 2.78 -21.22 12.51
C LYS B 436 2.86 -22.28 13.60
N LEU B 437 1.83 -23.12 13.70
CA LEU B 437 1.85 -24.18 14.69
C LEU B 437 2.98 -25.17 14.43
N TRP B 438 3.32 -25.38 13.16
CA TRP B 438 4.36 -26.35 12.83
C TRP B 438 5.75 -25.82 13.13
N TYR B 439 5.99 -24.51 12.94
CA TYR B 439 7.33 -23.96 13.10
C TYR B 439 7.61 -23.35 14.47
N GLN B 440 6.59 -23.24 15.33
CA GLN B 440 6.76 -22.60 16.62
C GLN B 440 7.68 -23.42 17.53
N LEU B 441 8.15 -22.77 18.59
CA LEU B 441 9.06 -23.35 19.57
C LEU B 441 8.34 -23.50 20.90
N GLU B 442 9.03 -24.08 21.88
CA GLU B 442 8.46 -24.31 23.19
C GLU B 442 8.84 -23.22 24.18
P G47 C 16 -18.04 4.64 -18.91
O1P G47 C 16 -17.05 5.53 -18.21
O2P G47 C 16 -18.51 5.00 -20.31
O5' G47 C 16 -19.34 4.52 -17.97
C5' G47 C 16 -19.94 5.69 -17.46
C4' G47 C 16 -20.71 5.34 -16.20
O4' G47 C 16 -20.05 4.32 -15.44
C3' G47 C 16 -20.74 6.53 -15.27
O3' G47 C 16 -21.78 7.43 -15.63
C2' G47 C 16 -20.88 5.94 -13.89
C1' G47 C 16 -20.07 4.65 -14.04
N9 G47 C 16 -18.67 4.88 -13.57
C8 G47 C 16 -17.57 4.88 -14.35
N7 G47 C 16 -16.44 5.10 -13.65
C5 G47 C 16 -16.81 5.24 -12.37
C6 G47 C 16 -16.13 5.51 -11.08
O6 G47 C 16 -14.89 5.65 -11.03
N1 G47 C 16 -16.86 5.60 -9.98
C2 G47 C 16 -18.20 5.46 -9.99
N2 G47 C 16 -18.84 5.55 -8.82
N3 G47 C 16 -18.89 5.22 -11.13
C4 G47 C 16 -18.27 5.10 -12.32
C6A G47 C 16 -20.28 5.77 -8.77
C7A G47 C 16 -21.08 4.53 -9.13
SG G47 C 16 -22.79 4.78 -8.62
P DDG C 21 -12.56 25.09 -9.13
OP1 DDG C 21 -12.23 26.23 -8.33
OP2 DDG C 21 -13.91 24.86 -9.57
O5' DDG C 21 -11.70 25.06 -10.39
C5' DDG C 21 -10.38 25.47 -10.27
C4' DDG C 21 -9.48 24.83 -11.29
O4' DDG C 21 -9.92 23.57 -11.62
C3' DDG C 21 -9.57 25.51 -12.61
C2' DDG C 21 -9.28 24.43 -13.59
C1' DDG C 21 -9.46 23.15 -12.86
N9 DDG C 21 -10.54 22.36 -13.42
C8 DDG C 21 -11.78 22.35 -13.04
N7 DDG C 21 -12.49 21.51 -13.77
C5 DDG C 21 -11.66 20.95 -14.61
C6 DDG C 21 -11.73 19.96 -15.64
O6 DDG C 21 -12.77 19.42 -15.93
N1 DDG C 21 -10.67 19.65 -16.29
C2 DDG C 21 -9.55 20.21 -16.03
N2 DDG C 21 -8.50 19.83 -16.73
N3 DDG C 21 -9.38 21.12 -15.10
C4 DDG C 21 -10.39 21.51 -14.36
MG MG E . -13.44 -33.55 6.04
MG MG F . -8.17 30.77 -16.21
S SO4 G . -15.97 -36.05 28.96
O1 SO4 G . -17.33 -35.52 28.87
O2 SO4 G . -15.98 -37.36 29.61
O3 SO4 G . -15.12 -35.14 29.73
O4 SO4 G . -15.43 -36.19 27.60
O3G 1RZ H . -9.65 33.18 -16.63
PG 1RZ H . -10.38 33.33 -17.97
O1G 1RZ H . -11.31 34.51 -17.90
PB 1RZ H . -10.78 30.54 -17.96
O2B 1RZ H . -11.71 29.56 -18.65
O1B 1RZ H . -10.84 30.31 -16.44
O3A 1RZ H . -9.27 30.32 -18.47
PA 1RZ H . -8.78 29.21 -19.48
O1A 1RZ H . -9.29 29.53 -20.89
O2A 1RZ H . -7.25 29.19 -19.49
O5' 1RZ H . -9.30 27.75 -19.03
C5' 1RZ H . -8.71 27.12 -17.91
C4' 1RZ H . -7.93 25.92 -18.34
O4' 1RZ H . -8.76 25.06 -19.07
S3' 1RZ H . -7.44 25.05 -16.80
C2' 1RZ H . -7.75 23.43 -17.53
C1' 1RZ H . -8.68 23.70 -18.71
N1 1RZ H . -10.05 23.20 -18.43
C2 1RZ H . -10.43 22.01 -19.09
O2 1RZ H . -9.61 21.48 -19.83
N3 1RZ H . -11.69 21.49 -18.90
C4 1RZ H . -12.52 22.14 -18.08
N4 1RZ H . -13.76 21.60 -17.90
C5 1RZ H . -12.16 23.35 -17.38
C6 1RZ H . -10.90 23.85 -17.57
O3B 1RZ H . -11.22 32.01 -18.30
O2C 1RZ H . -9.35 33.57 -19.08
S SO4 I . -11.16 6.17 -12.51
O1 SO4 I . -12.37 6.69 -11.88
O2 SO4 I . -11.52 5.09 -13.43
O3 SO4 I . -10.25 5.68 -11.49
O4 SO4 I . -10.52 7.25 -13.27
S SO4 J . -12.66 12.55 -16.48
O1 SO4 J . -13.88 13.36 -16.35
O2 SO4 J . -13.02 11.16 -16.77
O3 SO4 J . -11.89 12.61 -15.24
O4 SO4 J . -11.86 13.08 -17.59
#